data_1SFR
#
_entry.id   1SFR
#
_cell.length_a   131.430
_cell.length_b   288.662
_cell.length_c   101.289
_cell.angle_alpha   90.00
_cell.angle_beta   90.00
_cell.angle_gamma   90.00
#
_symmetry.space_group_name_H-M   'C 2 2 21'
#
loop_
_entity.id
_entity.type
_entity.pdbx_description
1 polymer 'Antigen 85-A'
2 water water
#
_entity_poly.entity_id   1
_entity_poly.type   'polypeptide(L)'
_entity_poly.pdbx_seq_one_letter_code
;AFSRPGLPVEYLQVPSPSMGRDIKVQFQSGGANSPALYLLDGLRAQDDFSGWDINTPAFEWYDQSGLSVVMPVGGQSSFY
SDWYQPACGKAGCQTYKWETFLTSELPGWLQANRHVKPTGSAVVGLSMAASSALTLAIYHPQQFVYAGAMSGLLDPSQAM
GPTLIGLAMGDAGGYKASDMWGPKEDPAWQRNDPLLNVGKLIANNTRVWVYCGNGKPSDLGGNNLPAKFLEGFVRTSNIK
FQDAYNAGGGHNGVFDFPDSGTHSWEYWGAQLNAMKPDLQRALGATPNTGPAPQGALGHHHHHH
;
_entity_poly.pdbx_strand_id   A,B,C
#
# COMPACT_ATOMS: atom_id res chain seq x y z
N ALA A 1 -6.05 -18.22 37.90
CA ALA A 1 -5.96 -17.71 39.29
C ALA A 1 -6.38 -16.26 39.33
N PHE A 2 -7.07 -15.87 40.39
CA PHE A 2 -7.50 -14.50 40.53
C PHE A 2 -6.35 -13.63 41.03
N SER A 3 -6.29 -12.41 40.53
CA SER A 3 -5.24 -11.47 40.91
C SER A 3 -5.43 -10.98 42.34
N ARG A 4 -6.70 -10.86 42.75
CA ARG A 4 -7.02 -10.41 44.09
C ARG A 4 -8.37 -10.94 44.57
N PRO A 5 -8.53 -11.13 45.89
CA PRO A 5 -9.81 -11.63 46.38
C PRO A 5 -10.90 -10.56 46.21
N GLY A 6 -12.09 -10.98 45.80
CA GLY A 6 -13.17 -10.01 45.63
C GLY A 6 -13.27 -9.32 44.28
N LEU A 7 -12.30 -9.55 43.39
CA LEU A 7 -12.32 -8.98 42.06
C LEU A 7 -12.30 -10.13 41.05
N PRO A 8 -13.05 -9.99 39.95
CA PRO A 8 -13.15 -11.01 38.90
C PRO A 8 -12.00 -11.22 37.92
N VAL A 9 -11.01 -10.33 37.96
CA VAL A 9 -9.87 -10.45 37.04
C VAL A 9 -8.96 -11.64 37.38
N GLU A 10 -8.62 -12.42 36.35
CA GLU A 10 -7.78 -13.59 36.52
C GLU A 10 -6.54 -13.48 35.64
N TYR A 11 -5.48 -14.22 36.00
CA TYR A 11 -4.29 -14.28 35.19
C TYR A 11 -4.23 -15.77 34.88
N LEU A 12 -4.06 -16.11 33.61
CA LEU A 12 -4.05 -17.51 33.20
C LEU A 12 -2.79 -17.92 32.46
N GLN A 13 -2.53 -19.22 32.45
CA GLN A 13 -1.39 -19.77 31.75
C GLN A 13 -2.01 -20.71 30.74
N VAL A 14 -2.26 -20.22 29.54
CA VAL A 14 -2.87 -21.04 28.51
C VAL A 14 -1.80 -21.70 27.63
N PRO A 15 -1.78 -23.04 27.60
CA PRO A 15 -0.79 -23.76 26.80
C PRO A 15 -0.98 -23.54 25.31
N SER A 16 0.14 -23.39 24.61
CA SER A 16 0.15 -23.19 23.16
C SER A 16 1.05 -24.24 22.50
N PRO A 17 0.44 -25.31 21.99
CA PRO A 17 1.21 -26.37 21.32
C PRO A 17 2.02 -25.83 20.15
N SER A 18 1.41 -24.96 19.35
CA SER A 18 2.07 -24.36 18.18
C SER A 18 3.30 -23.53 18.55
N MET A 19 3.29 -22.92 19.72
CA MET A 19 4.42 -22.11 20.15
C MET A 19 5.26 -22.80 21.21
N GLY A 20 4.87 -24.02 21.55
CA GLY A 20 5.61 -24.80 22.53
C GLY A 20 5.79 -24.15 23.88
N ARG A 21 4.78 -23.43 24.36
CA ARG A 21 4.90 -22.78 25.65
C ARG A 21 3.53 -22.31 26.14
N ASP A 22 3.51 -21.80 27.35
CA ASP A 22 2.28 -21.30 27.94
C ASP A 22 2.20 -19.80 27.70
N ILE A 23 1.05 -19.35 27.21
CA ILE A 23 0.87 -17.92 26.98
C ILE A 23 0.11 -17.34 28.16
N LYS A 24 0.64 -16.28 28.75
CA LYS A 24 -0.05 -15.66 29.88
C LYS A 24 -1.28 -14.97 29.31
N VAL A 25 -2.39 -14.95 30.05
CA VAL A 25 -3.61 -14.32 29.57
C VAL A 25 -4.43 -13.71 30.71
N GLN A 26 -4.62 -12.38 30.69
CA GLN A 26 -5.42 -11.75 31.73
C GLN A 26 -6.86 -12.02 31.29
N PHE A 27 -7.73 -12.33 32.23
CA PHE A 27 -9.11 -12.70 31.89
C PHE A 27 -10.17 -12.27 32.89
N GLN A 28 -11.39 -12.07 32.41
CA GLN A 28 -12.51 -11.69 33.26
C GLN A 28 -13.78 -12.24 32.62
N SER A 29 -14.38 -13.23 33.27
CA SER A 29 -15.58 -13.86 32.77
C SER A 29 -16.80 -12.96 32.77
N GLY A 30 -17.57 -13.05 31.70
CA GLY A 30 -18.80 -12.28 31.60
C GLY A 30 -19.95 -13.26 31.82
N GLY A 31 -19.63 -14.38 32.46
CA GLY A 31 -20.63 -15.40 32.73
C GLY A 31 -20.55 -16.65 31.86
N ALA A 32 -21.31 -17.67 32.22
CA ALA A 32 -21.31 -18.92 31.47
C ALA A 32 -21.83 -18.73 30.03
N ASN A 33 -21.03 -19.20 29.07
CA ASN A 33 -21.35 -19.13 27.64
C ASN A 33 -21.54 -17.71 27.12
N SER A 34 -20.89 -16.74 27.78
CA SER A 34 -20.99 -15.35 27.35
C SER A 34 -20.06 -15.12 26.16
N PRO A 35 -20.37 -14.12 25.33
CA PRO A 35 -19.51 -13.84 24.16
C PRO A 35 -18.14 -13.34 24.62
N ALA A 36 -17.14 -13.50 23.77
CA ALA A 36 -15.80 -13.05 24.11
C ALA A 36 -15.36 -11.77 23.41
N LEU A 37 -14.59 -10.96 24.13
CA LEU A 37 -14.01 -9.74 23.62
C LEU A 37 -12.48 -9.90 23.72
N TYR A 38 -11.82 -10.05 22.58
CA TYR A 38 -10.38 -10.18 22.56
C TYR A 38 -9.75 -8.81 22.40
N LEU A 39 -8.92 -8.41 23.36
CA LEU A 39 -8.23 -7.13 23.28
C LEU A 39 -6.77 -7.37 22.90
N LEU A 40 -6.36 -6.89 21.72
CA LEU A 40 -4.99 -7.10 21.28
C LEU A 40 -4.10 -5.92 21.67
N ASP A 41 -2.88 -6.24 22.09
CA ASP A 41 -1.92 -5.23 22.52
C ASP A 41 -1.21 -4.56 21.35
N GLY A 42 -0.48 -3.49 21.66
CA GLY A 42 0.26 -2.73 20.67
C GLY A 42 1.62 -3.31 20.32
N LEU A 43 2.34 -2.59 19.47
CA LEU A 43 3.67 -3.02 19.01
C LEU A 43 4.66 -3.40 20.10
N ARG A 44 4.67 -2.64 21.20
CA ARG A 44 5.61 -2.91 22.27
C ARG A 44 5.04 -3.72 23.42
N ALA A 45 4.25 -4.73 23.11
CA ALA A 45 3.63 -5.57 24.14
C ALA A 45 4.64 -6.19 25.11
N GLN A 46 4.42 -5.99 26.40
CA GLN A 46 5.28 -6.53 27.44
C GLN A 46 4.84 -7.93 27.84
N ASP A 47 5.71 -8.65 28.56
CA ASP A 47 5.40 -10.00 28.99
C ASP A 47 4.80 -10.12 30.38
N ASP A 48 4.60 -8.99 31.06
CA ASP A 48 4.01 -9.03 32.38
C ASP A 48 2.50 -8.79 32.30
N PHE A 49 2.11 -7.68 31.67
CA PHE A 49 0.69 -7.34 31.53
C PHE A 49 0.37 -6.79 30.15
N SER A 50 -0.90 -6.83 29.80
CA SER A 50 -1.35 -6.29 28.53
C SER A 50 -1.42 -4.76 28.64
N GLY A 51 -1.11 -4.08 27.54
CA GLY A 51 -1.17 -2.63 27.54
C GLY A 51 -2.56 -2.15 27.94
N TRP A 52 -3.57 -2.95 27.65
CA TRP A 52 -4.95 -2.61 27.99
C TRP A 52 -5.17 -2.50 29.50
N ASP A 53 -4.59 -3.41 30.27
CA ASP A 53 -4.77 -3.33 31.71
C ASP A 53 -3.81 -2.32 32.32
N ILE A 54 -2.63 -2.20 31.74
CA ILE A 54 -1.63 -1.26 32.22
C ILE A 54 -2.09 0.18 32.06
N ASN A 55 -2.71 0.46 30.91
CA ASN A 55 -3.14 1.82 30.60
C ASN A 55 -4.63 2.15 30.64
N THR A 56 -5.50 1.19 30.94
CA THR A 56 -6.93 1.52 30.95
C THR A 56 -7.77 0.75 31.94
N PRO A 57 -8.93 1.30 32.29
CA PRO A 57 -9.88 0.69 33.23
C PRO A 57 -10.71 -0.38 32.51
N ALA A 58 -10.17 -0.94 31.43
CA ALA A 58 -10.89 -1.95 30.65
C ALA A 58 -11.66 -2.98 31.51
N PHE A 59 -10.95 -3.79 32.28
CA PHE A 59 -11.62 -4.79 33.11
C PHE A 59 -12.73 -4.20 33.96
N GLU A 60 -12.41 -3.10 34.62
CA GLU A 60 -13.39 -2.44 35.47
C GLU A 60 -14.60 -1.97 34.66
N TRP A 61 -14.34 -1.42 33.47
CA TRP A 61 -15.43 -0.96 32.60
C TRP A 61 -16.31 -2.10 32.13
N TYR A 62 -15.70 -3.25 31.86
CA TYR A 62 -16.48 -4.37 31.35
C TYR A 62 -16.98 -5.35 32.38
N ASP A 63 -16.73 -5.06 33.65
CA ASP A 63 -17.17 -5.96 34.69
C ASP A 63 -18.70 -5.92 34.66
N GLN A 64 -19.32 -7.09 34.57
CA GLN A 64 -20.78 -7.20 34.53
C GLN A 64 -21.45 -6.75 33.23
N SER A 65 -20.65 -6.60 32.17
CA SER A 65 -21.16 -6.19 30.87
C SER A 65 -21.78 -7.37 30.12
N GLY A 66 -21.49 -8.58 30.56
CA GLY A 66 -22.02 -9.75 29.89
C GLY A 66 -21.04 -10.22 28.83
N LEU A 67 -19.87 -9.58 28.80
CA LEU A 67 -18.84 -9.94 27.84
C LEU A 67 -17.60 -10.46 28.58
N SER A 68 -16.98 -11.51 28.07
CA SER A 68 -15.77 -12.05 28.71
C SER A 68 -14.54 -11.35 28.10
N VAL A 69 -13.81 -10.61 28.92
CA VAL A 69 -12.65 -9.90 28.43
C VAL A 69 -11.41 -10.78 28.41
N VAL A 70 -10.80 -10.90 27.23
CA VAL A 70 -9.61 -11.73 27.06
C VAL A 70 -8.42 -10.89 26.60
N MET A 71 -7.39 -10.82 27.44
CA MET A 71 -6.19 -10.05 27.11
C MET A 71 -4.94 -10.91 27.01
N PRO A 72 -4.58 -11.35 25.79
CA PRO A 72 -3.36 -12.16 25.75
C PRO A 72 -2.19 -11.26 26.16
N VAL A 73 -1.11 -11.87 26.66
CA VAL A 73 0.07 -11.13 27.11
C VAL A 73 1.32 -11.54 26.32
N GLY A 74 2.07 -10.55 25.86
CA GLY A 74 3.28 -10.83 25.10
C GLY A 74 3.16 -10.71 23.59
N GLY A 75 4.24 -11.06 22.88
CA GLY A 75 4.23 -10.99 21.43
C GLY A 75 4.65 -9.66 20.82
N GLN A 76 5.70 -9.04 21.37
CA GLN A 76 6.16 -7.76 20.84
C GLN A 76 6.42 -7.87 19.34
N SER A 77 5.94 -6.90 18.58
CA SER A 77 6.12 -6.88 17.12
C SER A 77 5.57 -8.12 16.42
N SER A 78 4.73 -8.89 17.11
CA SER A 78 4.18 -10.10 16.52
C SER A 78 3.10 -9.91 15.46
N PHE A 79 2.34 -8.80 15.56
CA PHE A 79 1.24 -8.53 14.66
C PHE A 79 0.23 -9.68 14.78
N TYR A 80 0.28 -10.38 15.92
CA TYR A 80 -0.59 -11.52 16.17
C TYR A 80 -0.75 -12.39 14.93
N SER A 81 0.39 -12.72 14.32
CA SER A 81 0.40 -13.53 13.12
C SER A 81 1.20 -14.85 13.27
N ASP A 82 1.06 -15.74 12.28
CA ASP A 82 1.80 -16.98 12.28
C ASP A 82 3.02 -16.68 11.39
N TRP A 83 4.19 -16.59 12.01
CA TRP A 83 5.45 -16.28 11.32
C TRP A 83 6.05 -17.45 10.52
N TYR A 84 6.76 -17.12 9.45
CA TYR A 84 7.43 -18.11 8.61
C TYR A 84 8.64 -18.65 9.37
N GLN A 85 9.46 -17.73 9.87
CA GLN A 85 10.67 -18.03 10.61
C GLN A 85 10.49 -17.74 12.09
N PRO A 86 11.43 -18.21 12.92
CA PRO A 86 11.34 -17.95 14.35
C PRO A 86 11.43 -16.46 14.60
N ALA A 87 10.77 -15.98 15.66
CA ALA A 87 10.79 -14.58 16.01
C ALA A 87 12.05 -14.29 16.80
N CYS A 88 13.08 -13.82 16.10
CA CYS A 88 14.36 -13.52 16.74
C CYS A 88 14.61 -12.02 16.94
N GLY A 89 14.74 -11.62 18.20
CA GLY A 89 15.01 -10.23 18.51
C GLY A 89 16.29 -10.10 19.31
N LYS A 90 16.48 -8.97 19.95
CA LYS A 90 17.68 -8.74 20.76
C LYS A 90 17.77 -9.72 21.92
N ALA A 91 16.61 -10.13 22.44
CA ALA A 91 16.53 -11.04 23.57
C ALA A 91 16.31 -12.51 23.19
N GLY A 92 16.92 -12.95 22.10
CA GLY A 92 16.76 -14.34 21.70
C GLY A 92 15.58 -14.59 20.78
N CYS A 93 15.34 -15.86 20.46
CA CYS A 93 14.25 -16.24 19.58
C CYS A 93 13.10 -16.97 20.28
N GLN A 94 11.94 -16.96 19.63
CA GLN A 94 10.73 -17.62 20.14
C GLN A 94 9.88 -18.00 18.96
N THR A 95 8.91 -18.87 19.20
CA THR A 95 8.03 -19.27 18.14
C THR A 95 6.79 -18.39 18.21
N TYR A 96 6.46 -17.77 17.08
CA TYR A 96 5.30 -16.91 16.95
C TYR A 96 4.27 -17.55 16.04
N LYS A 97 3.19 -18.06 16.65
CA LYS A 97 2.11 -18.69 15.89
C LYS A 97 0.86 -18.17 16.55
N TRP A 98 0.75 -16.85 16.58
CA TRP A 98 -0.38 -16.18 17.22
C TRP A 98 -1.74 -16.34 16.55
N GLU A 99 -1.77 -16.49 15.22
CA GLU A 99 -3.07 -16.66 14.59
C GLU A 99 -3.61 -18.02 15.01
N THR A 100 -2.73 -19.00 15.11
CA THR A 100 -3.13 -20.34 15.51
C THR A 100 -3.60 -20.30 16.95
N PHE A 101 -2.79 -19.70 17.82
CA PHE A 101 -3.16 -19.59 19.23
C PHE A 101 -4.51 -18.89 19.42
N LEU A 102 -4.71 -17.77 18.72
CA LEU A 102 -5.97 -17.02 18.84
C LEU A 102 -7.17 -17.64 18.16
N THR A 103 -6.97 -18.45 17.13
CA THR A 103 -8.13 -19.02 16.44
C THR A 103 -8.48 -20.48 16.73
N SER A 104 -7.77 -21.11 17.66
CA SER A 104 -8.07 -22.49 18.02
C SER A 104 -7.65 -22.86 19.45
N GLU A 105 -6.38 -22.71 19.76
CA GLU A 105 -5.88 -23.07 21.08
C GLU A 105 -6.59 -22.30 22.19
N LEU A 106 -6.52 -20.97 22.15
CA LEU A 106 -7.17 -20.14 23.17
C LEU A 106 -8.69 -20.34 23.23
N PRO A 107 -9.38 -20.22 22.09
CA PRO A 107 -10.84 -20.42 22.12
C PRO A 107 -11.21 -21.74 22.80
N GLY A 108 -10.63 -22.82 22.27
CA GLY A 108 -10.89 -24.14 22.81
C GLY A 108 -10.62 -24.18 24.29
N TRP A 109 -9.44 -23.72 24.70
CA TRP A 109 -9.11 -23.75 26.11
C TRP A 109 -10.09 -22.95 26.97
N LEU A 110 -10.56 -21.80 26.47
CA LEU A 110 -11.48 -20.97 27.25
C LEU A 110 -12.88 -21.56 27.31
N GLN A 111 -13.26 -22.29 26.26
CA GLN A 111 -14.58 -22.90 26.25
C GLN A 111 -14.61 -24.05 27.26
N ALA A 112 -13.56 -24.86 27.24
CA ALA A 112 -13.45 -26.02 28.12
C ALA A 112 -13.19 -25.69 29.58
N ASN A 113 -12.41 -24.65 29.85
CA ASN A 113 -12.08 -24.32 31.23
C ASN A 113 -12.75 -23.09 31.85
N ARG A 114 -13.34 -22.22 31.04
CA ARG A 114 -13.98 -21.03 31.58
C ARG A 114 -15.36 -20.79 30.99
N HIS A 115 -15.84 -21.74 30.20
CA HIS A 115 -17.16 -21.66 29.57
C HIS A 115 -17.36 -20.36 28.80
N VAL A 116 -16.42 -20.07 27.91
CA VAL A 116 -16.52 -18.88 27.08
C VAL A 116 -16.97 -19.36 25.72
N LYS A 117 -18.00 -18.71 25.16
CA LYS A 117 -18.49 -19.09 23.85
C LYS A 117 -17.34 -18.88 22.86
N PRO A 118 -16.99 -19.92 22.10
CA PRO A 118 -15.89 -19.86 21.12
C PRO A 118 -16.17 -19.10 19.82
N THR A 119 -17.43 -18.85 19.51
CA THR A 119 -17.77 -18.11 18.30
C THR A 119 -18.55 -16.85 18.68
N GLY A 120 -18.78 -15.98 17.70
CA GLY A 120 -19.51 -14.75 17.96
C GLY A 120 -18.76 -13.83 18.89
N SER A 121 -17.47 -13.72 18.65
CA SER A 121 -16.61 -12.89 19.47
C SER A 121 -16.24 -11.59 18.78
N ALA A 122 -15.67 -10.69 19.56
CA ALA A 122 -15.19 -9.42 19.04
C ALA A 122 -13.68 -9.43 19.28
N VAL A 123 -12.94 -8.79 18.39
CA VAL A 123 -11.51 -8.69 18.55
C VAL A 123 -11.16 -7.24 18.23
N VAL A 124 -10.66 -6.54 19.23
CA VAL A 124 -10.29 -5.12 19.11
C VAL A 124 -8.79 -4.94 19.31
N GLY A 125 -8.14 -4.27 18.38
CA GLY A 125 -6.71 -4.04 18.50
C GLY A 125 -6.35 -2.60 18.21
N LEU A 126 -5.18 -2.18 18.67
CA LEU A 126 -4.71 -0.82 18.47
C LEU A 126 -3.29 -0.87 17.89
N SER A 127 -2.94 0.19 17.17
CA SER A 127 -1.61 0.32 16.57
C SER A 127 -1.33 -0.91 15.70
N MET A 128 -0.30 -1.65 16.07
CA MET A 128 0.08 -2.86 15.35
C MET A 128 -1.14 -3.81 15.24
N ALA A 129 -1.75 -4.10 16.39
CA ALA A 129 -2.88 -5.02 16.46
C ALA A 129 -4.12 -4.54 15.71
N ALA A 130 -4.14 -3.27 15.33
CA ALA A 130 -5.29 -2.72 14.63
C ALA A 130 -5.58 -3.50 13.35
N SER A 131 -4.59 -3.66 12.46
CA SER A 131 -4.86 -4.42 11.25
C SER A 131 -4.99 -5.92 11.54
N SER A 132 -4.35 -6.37 12.62
CA SER A 132 -4.41 -7.78 13.02
C SER A 132 -5.86 -8.16 13.28
N ALA A 133 -6.55 -7.28 13.99
CA ALA A 133 -7.95 -7.49 14.33
C ALA A 133 -8.81 -7.62 13.08
N LEU A 134 -8.61 -6.73 12.11
CA LEU A 134 -9.40 -6.80 10.90
C LEU A 134 -9.10 -8.09 10.17
N THR A 135 -7.81 -8.40 10.11
CA THR A 135 -7.35 -9.61 9.43
C THR A 135 -7.90 -10.87 10.09
N LEU A 136 -7.84 -10.94 11.41
CA LEU A 136 -8.38 -12.11 12.09
C LEU A 136 -9.86 -12.31 11.73
N ALA A 137 -10.63 -11.22 11.68
CA ALA A 137 -12.06 -11.32 11.37
C ALA A 137 -12.31 -11.76 9.94
N ILE A 138 -11.42 -11.34 9.05
CA ILE A 138 -11.51 -11.67 7.64
C ILE A 138 -11.32 -13.16 7.34
N TYR A 139 -10.43 -13.81 8.08
CA TYR A 139 -10.17 -15.22 7.83
C TYR A 139 -10.85 -16.16 8.81
N HIS A 140 -11.52 -15.58 9.80
CA HIS A 140 -12.19 -16.36 10.82
C HIS A 140 -13.48 -15.66 11.21
N PRO A 141 -14.35 -15.40 10.22
CA PRO A 141 -15.63 -14.72 10.47
C PRO A 141 -16.59 -15.38 11.46
N GLN A 142 -16.61 -16.71 11.49
CA GLN A 142 -17.51 -17.38 12.43
C GLN A 142 -17.07 -17.11 13.86
N GLN A 143 -15.76 -17.04 14.08
CA GLN A 143 -15.22 -16.77 15.42
C GLN A 143 -15.34 -15.30 15.78
N PHE A 144 -14.89 -14.45 14.86
CA PHE A 144 -14.93 -13.01 15.08
C PHE A 144 -15.94 -12.34 14.18
N VAL A 145 -17.07 -11.96 14.76
CA VAL A 145 -18.12 -11.29 14.01
C VAL A 145 -18.02 -9.79 14.18
N TYR A 146 -16.98 -9.35 14.88
CA TYR A 146 -16.78 -7.94 15.18
C TYR A 146 -15.29 -7.61 15.32
N ALA A 147 -14.83 -6.61 14.58
CA ALA A 147 -13.42 -6.24 14.64
C ALA A 147 -13.23 -4.75 14.87
N GLY A 148 -12.38 -4.42 15.84
CA GLY A 148 -12.11 -3.03 16.14
C GLY A 148 -10.67 -2.70 15.78
N ALA A 149 -10.48 -1.63 15.02
CA ALA A 149 -9.14 -1.22 14.61
C ALA A 149 -8.86 0.24 15.00
N MET A 150 -7.98 0.43 15.99
CA MET A 150 -7.63 1.76 16.46
C MET A 150 -6.24 2.17 16.02
N SER A 151 -6.17 3.29 15.29
CA SER A 151 -4.92 3.85 14.82
C SER A 151 -3.98 2.86 14.16
N GLY A 152 -4.48 2.04 13.25
CA GLY A 152 -3.59 1.09 12.60
C GLY A 152 -3.18 1.47 11.18
N LEU A 153 -2.16 0.78 10.67
CA LEU A 153 -1.71 0.98 9.31
C LEU A 153 -2.55 -0.08 8.57
N LEU A 154 -3.68 0.33 8.00
CA LEU A 154 -4.57 -0.63 7.35
C LEU A 154 -4.22 -1.17 5.96
N ASP A 155 -3.15 -0.64 5.35
CA ASP A 155 -2.73 -1.11 4.03
C ASP A 155 -1.23 -1.41 4.11
N PRO A 156 -0.84 -2.29 5.05
CA PRO A 156 0.55 -2.69 5.29
C PRO A 156 1.38 -3.18 4.11
N SER A 157 0.72 -3.66 3.06
CA SER A 157 1.45 -4.16 1.88
C SER A 157 1.62 -3.08 0.82
N GLN A 158 1.08 -1.89 1.07
CA GLN A 158 1.13 -0.83 0.09
C GLN A 158 2.17 0.24 0.33
N ALA A 159 2.48 0.98 -0.74
CA ALA A 159 3.46 2.07 -0.67
C ALA A 159 4.73 1.64 0.06
N MET A 160 5.05 2.33 1.16
CA MET A 160 6.25 2.00 1.93
C MET A 160 5.94 1.26 3.23
N GLY A 161 4.71 0.77 3.35
CA GLY A 161 4.32 0.05 4.56
C GLY A 161 5.27 -1.06 4.98
N PRO A 162 5.72 -1.91 4.04
CA PRO A 162 6.65 -2.98 4.40
C PRO A 162 7.91 -2.43 5.06
N THR A 163 8.50 -1.40 4.47
CA THR A 163 9.71 -0.78 5.03
C THR A 163 9.41 -0.15 6.38
N LEU A 164 8.29 0.56 6.48
CA LEU A 164 7.93 1.21 7.73
C LEU A 164 7.64 0.19 8.83
N ILE A 165 6.98 -0.91 8.48
CA ILE A 165 6.71 -1.93 9.47
C ILE A 165 8.04 -2.55 9.92
N GLY A 166 8.97 -2.72 8.99
CA GLY A 166 10.26 -3.28 9.34
C GLY A 166 11.02 -2.37 10.30
N LEU A 167 10.94 -1.06 10.05
CA LEU A 167 11.59 -0.10 10.92
C LEU A 167 10.99 -0.17 12.31
N ALA A 168 9.68 -0.36 12.37
CA ALA A 168 8.97 -0.43 13.65
C ALA A 168 9.37 -1.70 14.38
N MET A 169 9.34 -2.81 13.66
CA MET A 169 9.69 -4.10 14.24
C MET A 169 11.11 -4.14 14.74
N GLY A 170 12.00 -3.46 14.03
CA GLY A 170 13.39 -3.42 14.43
C GLY A 170 13.57 -2.61 15.69
N ASP A 171 12.79 -1.56 15.85
CA ASP A 171 12.91 -0.70 17.03
C ASP A 171 12.19 -1.27 18.24
N ALA A 172 11.27 -2.21 18.02
CA ALA A 172 10.53 -2.78 19.14
C ALA A 172 10.93 -4.24 19.36
N GLY A 173 12.10 -4.44 19.96
CA GLY A 173 12.59 -5.77 20.23
C GLY A 173 13.64 -6.22 19.23
N GLY A 174 13.87 -5.40 18.20
CA GLY A 174 14.86 -5.74 17.21
C GLY A 174 14.54 -6.93 16.33
N TYR A 175 13.27 -7.11 15.99
CA TYR A 175 12.85 -8.22 15.14
C TYR A 175 13.01 -7.87 13.67
N LYS A 176 12.85 -8.86 12.80
CA LYS A 176 12.99 -8.65 11.37
C LYS A 176 11.68 -8.98 10.65
N ALA A 177 11.16 -8.00 9.93
CA ALA A 177 9.90 -8.17 9.18
C ALA A 177 9.89 -9.36 8.23
N SER A 178 11.01 -9.62 7.55
CA SER A 178 11.04 -10.73 6.60
C SER A 178 10.87 -12.08 7.29
N ASP A 179 11.20 -12.17 8.57
CA ASP A 179 11.05 -13.43 9.29
C ASP A 179 9.57 -13.72 9.52
N MET A 180 8.76 -12.65 9.53
CA MET A 180 7.34 -12.77 9.74
C MET A 180 6.58 -13.07 8.44
N TRP A 181 6.63 -12.15 7.48
CA TRP A 181 5.92 -12.37 6.22
C TRP A 181 6.85 -12.45 5.01
N GLY A 182 8.15 -12.56 5.28
CA GLY A 182 9.13 -12.67 4.22
C GLY A 182 9.37 -11.37 3.48
N PRO A 183 10.01 -11.44 2.30
CA PRO A 183 10.29 -10.25 1.49
C PRO A 183 8.99 -9.60 1.01
N LYS A 184 9.05 -8.30 0.73
CA LYS A 184 7.89 -7.53 0.30
C LYS A 184 6.99 -8.17 -0.76
N GLU A 185 7.55 -8.93 -1.69
CA GLU A 185 6.73 -9.54 -2.72
C GLU A 185 6.09 -10.87 -2.33
N ASP A 186 6.38 -11.34 -1.12
CA ASP A 186 5.80 -12.59 -0.64
C ASP A 186 4.28 -12.43 -0.46
N PRO A 187 3.49 -13.43 -0.88
CA PRO A 187 2.04 -13.41 -0.78
C PRO A 187 1.48 -13.04 0.61
N ALA A 188 2.25 -13.34 1.65
CA ALA A 188 1.82 -13.04 3.02
C ALA A 188 1.42 -11.57 3.20
N TRP A 189 2.16 -10.67 2.56
CA TRP A 189 1.87 -9.25 2.67
C TRP A 189 0.47 -8.84 2.22
N GLN A 190 0.07 -9.19 1.01
CA GLN A 190 -1.28 -8.81 0.57
C GLN A 190 -2.37 -9.66 1.23
N ARG A 191 -1.98 -10.74 1.91
CA ARG A 191 -2.93 -11.59 2.59
C ARG A 191 -3.27 -10.92 3.92
N ASN A 192 -2.27 -10.29 4.52
CA ASN A 192 -2.48 -9.63 5.79
C ASN A 192 -2.73 -8.14 5.64
N ASP A 193 -3.18 -7.74 4.45
CA ASP A 193 -3.48 -6.34 4.20
C ASP A 193 -5.00 -6.17 4.19
N PRO A 194 -5.55 -5.62 5.27
CA PRO A 194 -7.00 -5.39 5.41
C PRO A 194 -7.65 -4.56 4.30
N LEU A 195 -6.99 -3.49 3.88
CA LEU A 195 -7.53 -2.64 2.82
C LEU A 195 -7.69 -3.49 1.58
N LEU A 196 -6.76 -4.40 1.31
CA LEU A 196 -6.87 -5.25 0.12
C LEU A 196 -7.89 -6.37 0.25
N ASN A 197 -8.26 -6.71 1.49
CA ASN A 197 -9.23 -7.79 1.74
C ASN A 197 -10.56 -7.32 2.31
N VAL A 198 -10.83 -6.03 2.18
CA VAL A 198 -12.06 -5.44 2.70
C VAL A 198 -13.32 -6.10 2.16
N GLY A 199 -13.21 -6.67 0.96
CA GLY A 199 -14.35 -7.32 0.34
C GLY A 199 -14.89 -8.47 1.16
N LYS A 200 -14.00 -9.09 1.94
CA LYS A 200 -14.41 -10.21 2.77
C LYS A 200 -15.17 -9.71 4.00
N LEU A 201 -14.75 -8.59 4.55
CA LEU A 201 -15.43 -8.02 5.70
C LEU A 201 -16.86 -7.66 5.26
N ILE A 202 -16.97 -7.12 4.04
CA ILE A 202 -18.27 -6.73 3.50
C ILE A 202 -19.14 -7.95 3.24
N ALA A 203 -18.57 -8.96 2.58
CA ALA A 203 -19.30 -10.17 2.25
C ALA A 203 -19.81 -10.86 3.51
N ASN A 204 -18.95 -10.95 4.51
CA ASN A 204 -19.30 -11.60 5.78
C ASN A 204 -20.14 -10.72 6.69
N ASN A 205 -20.31 -9.45 6.31
CA ASN A 205 -21.08 -8.50 7.10
C ASN A 205 -20.53 -8.30 8.52
N THR A 206 -19.21 -8.47 8.65
CA THR A 206 -18.52 -8.30 9.92
C THR A 206 -18.75 -6.89 10.48
N ARG A 207 -19.03 -6.78 11.77
CA ARG A 207 -19.22 -5.46 12.39
C ARG A 207 -17.82 -4.87 12.50
N VAL A 208 -17.62 -3.73 11.84
CA VAL A 208 -16.33 -3.05 11.81
C VAL A 208 -16.35 -1.69 12.52
N TRP A 209 -15.41 -1.51 13.44
CA TRP A 209 -15.29 -0.26 14.17
C TRP A 209 -13.85 0.19 14.01
N VAL A 210 -13.65 1.20 13.18
CA VAL A 210 -12.32 1.74 12.91
C VAL A 210 -12.19 3.12 13.53
N TYR A 211 -11.08 3.35 14.23
CA TYR A 211 -10.85 4.64 14.87
C TYR A 211 -9.46 5.17 14.52
N CYS A 212 -9.32 6.49 14.50
CA CYS A 212 -8.02 7.10 14.24
C CYS A 212 -8.06 8.61 14.47
N GLY A 213 -7.04 9.10 15.19
CA GLY A 213 -6.94 10.52 15.47
C GLY A 213 -6.30 11.24 14.30
N ASN A 214 -6.31 12.57 14.34
CA ASN A 214 -5.75 13.37 13.26
C ASN A 214 -4.37 13.90 13.59
N GLY A 215 -3.89 13.61 14.79
CA GLY A 215 -2.57 14.06 15.19
C GLY A 215 -2.54 15.24 16.14
N LYS A 216 -3.69 15.88 16.34
CA LYS A 216 -3.75 17.01 17.26
C LYS A 216 -4.26 16.55 18.62
N PRO A 217 -3.43 16.71 19.67
CA PRO A 217 -3.83 16.30 21.02
C PRO A 217 -4.99 17.11 21.59
N SER A 218 -5.70 16.51 22.54
CA SER A 218 -6.81 17.19 23.20
C SER A 218 -6.45 17.23 24.69
N ASP A 219 -7.43 17.53 25.53
CA ASP A 219 -7.17 17.59 26.97
C ASP A 219 -6.75 16.22 27.51
N LEU A 220 -7.08 15.16 26.78
CA LEU A 220 -6.73 13.80 27.18
C LEU A 220 -5.21 13.59 27.23
N GLY A 221 -4.47 14.37 26.43
CA GLY A 221 -3.02 14.25 26.45
C GLY A 221 -2.32 13.66 25.25
N GLY A 222 -1.26 12.90 25.54
CA GLY A 222 -0.47 12.26 24.50
C GLY A 222 0.17 13.30 23.60
N ASN A 223 0.51 14.44 24.17
CA ASN A 223 1.10 15.52 23.39
C ASN A 223 2.62 15.47 23.23
N ASN A 224 3.07 14.76 22.22
CA ASN A 224 4.50 14.68 21.91
C ASN A 224 4.61 14.42 20.41
N LEU A 225 5.67 14.93 19.79
CA LEU A 225 5.84 14.80 18.34
C LEU A 225 5.63 13.41 17.76
N PRO A 226 6.31 12.38 18.31
CA PRO A 226 6.15 11.01 17.79
C PRO A 226 4.70 10.57 17.77
N ALA A 227 4.00 10.75 18.89
CA ALA A 227 2.60 10.35 18.98
C ALA A 227 1.74 11.11 17.98
N LYS A 228 2.08 12.37 17.73
CA LYS A 228 1.33 13.19 16.78
C LYS A 228 1.59 12.78 15.35
N PHE A 229 2.86 12.65 14.98
CA PHE A 229 3.18 12.29 13.62
C PHE A 229 2.67 10.92 13.21
N LEU A 230 2.82 9.92 14.09
CA LEU A 230 2.34 8.58 13.78
C LEU A 230 0.85 8.58 13.50
N GLU A 231 0.08 9.21 14.37
CA GLU A 231 -1.37 9.24 14.18
C GLU A 231 -1.68 9.85 12.81
N GLY A 232 -1.13 11.05 12.55
CA GLY A 232 -1.36 11.71 11.28
C GLY A 232 -0.99 10.82 10.11
N PHE A 233 0.15 10.16 10.24
CA PHE A 233 0.66 9.26 9.21
C PHE A 233 -0.24 8.06 8.89
N VAL A 234 -0.69 7.34 9.92
CA VAL A 234 -1.55 6.17 9.67
C VAL A 234 -3.00 6.52 9.33
N ARG A 235 -3.39 7.78 9.57
CA ARG A 235 -4.75 8.20 9.27
C ARG A 235 -5.12 8.00 7.80
N THR A 236 -4.16 8.24 6.93
CA THR A 236 -4.39 8.11 5.49
C THR A 236 -4.92 6.73 5.13
N SER A 237 -4.26 5.69 5.64
CA SER A 237 -4.70 4.33 5.34
C SER A 237 -6.10 4.08 5.90
N ASN A 238 -6.41 4.73 7.01
CA ASN A 238 -7.71 4.58 7.62
C ASN A 238 -8.81 5.18 6.75
N ILE A 239 -8.51 6.30 6.09
CA ILE A 239 -9.49 6.95 5.23
C ILE A 239 -9.66 6.06 3.99
N LYS A 240 -8.53 5.59 3.46
CA LYS A 240 -8.58 4.74 2.28
C LYS A 240 -9.46 3.52 2.57
N PHE A 241 -9.35 2.99 3.80
CA PHE A 241 -10.11 1.83 4.19
C PHE A 241 -11.60 2.14 4.21
N GLN A 242 -11.95 3.27 4.85
CA GLN A 242 -13.34 3.71 4.94
C GLN A 242 -13.91 3.84 3.53
N ASP A 243 -13.17 4.50 2.64
CA ASP A 243 -13.65 4.68 1.27
C ASP A 243 -13.83 3.34 0.56
N ALA A 244 -12.88 2.43 0.74
CA ALA A 244 -13.02 1.12 0.11
C ALA A 244 -14.24 0.43 0.69
N TYR A 245 -14.32 0.38 2.02
CA TYR A 245 -15.44 -0.28 2.67
C TYR A 245 -16.75 0.27 2.14
N ASN A 246 -16.89 1.59 2.11
CA ASN A 246 -18.12 2.21 1.61
C ASN A 246 -18.34 1.90 0.13
N ALA A 247 -17.32 2.15 -0.69
CA ALA A 247 -17.44 1.90 -2.12
C ALA A 247 -17.86 0.46 -2.40
N GLY A 248 -17.34 -0.47 -1.62
CA GLY A 248 -17.66 -1.87 -1.82
C GLY A 248 -19.04 -2.32 -1.36
N GLY A 249 -19.83 -1.42 -0.80
CA GLY A 249 -21.15 -1.81 -0.35
C GLY A 249 -21.26 -2.16 1.13
N GLY A 250 -20.16 -1.98 1.86
CA GLY A 250 -20.16 -2.27 3.28
C GLY A 250 -21.26 -1.47 3.96
N HIS A 251 -21.95 -2.08 4.92
CA HIS A 251 -23.05 -1.40 5.59
C HIS A 251 -23.17 -1.78 7.06
N ASN A 252 -22.04 -2.14 7.68
CA ASN A 252 -22.03 -2.54 9.09
C ASN A 252 -20.79 -1.98 9.76
N GLY A 253 -20.38 -0.79 9.33
CA GLY A 253 -19.19 -0.18 9.91
C GLY A 253 -19.41 1.11 10.66
N VAL A 254 -18.47 1.42 11.54
CA VAL A 254 -18.48 2.64 12.31
C VAL A 254 -17.09 3.25 12.09
N PHE A 255 -17.06 4.52 11.69
CA PHE A 255 -15.80 5.20 11.45
C PHE A 255 -15.71 6.46 12.28
N ASP A 256 -14.79 6.44 13.24
CA ASP A 256 -14.59 7.55 14.14
C ASP A 256 -13.25 8.21 13.86
N PHE A 257 -13.28 9.28 13.09
CA PHE A 257 -12.08 10.04 12.75
C PHE A 257 -12.29 11.46 13.24
N PRO A 258 -12.18 11.68 14.55
CA PRO A 258 -12.37 13.02 15.11
C PRO A 258 -11.24 13.98 14.72
N ASP A 259 -11.38 15.22 15.14
CA ASP A 259 -10.38 16.24 14.83
C ASP A 259 -9.38 16.34 15.97
N SER A 260 -9.10 15.20 16.60
CA SER A 260 -8.15 15.16 17.71
C SER A 260 -7.63 13.75 17.92
N GLY A 261 -6.70 13.60 18.87
CA GLY A 261 -6.13 12.31 19.18
C GLY A 261 -4.75 12.05 18.62
N THR A 262 -3.90 11.40 19.42
CA THR A 262 -2.55 11.08 18.98
C THR A 262 -2.35 9.57 19.13
N HIS A 263 -1.15 9.09 18.90
CA HIS A 263 -0.84 7.67 19.01
C HIS A 263 -0.52 7.32 20.47
N SER A 264 -1.51 7.45 21.35
CA SER A 264 -1.28 7.15 22.76
C SER A 264 -2.50 6.52 23.41
N TRP A 265 -2.26 5.81 24.51
CA TRP A 265 -3.30 5.10 25.24
C TRP A 265 -4.49 5.87 25.77
N GLU A 266 -4.32 7.15 26.06
CA GLU A 266 -5.47 7.91 26.59
C GLU A 266 -6.63 7.85 25.60
N TYR A 267 -6.31 7.95 24.32
CA TYR A 267 -7.32 7.90 23.27
C TYR A 267 -7.90 6.51 23.03
N TRP A 268 -7.05 5.49 23.02
CA TRP A 268 -7.54 4.13 22.79
C TRP A 268 -8.45 3.67 23.92
N GLY A 269 -8.13 4.10 25.14
CA GLY A 269 -8.95 3.73 26.27
C GLY A 269 -10.32 4.38 26.14
N ALA A 270 -10.34 5.70 25.96
CA ALA A 270 -11.60 6.42 25.82
C ALA A 270 -12.47 5.76 24.74
N GLN A 271 -11.82 5.35 23.65
CA GLN A 271 -12.52 4.70 22.55
C GLN A 271 -13.09 3.32 22.94
N LEU A 272 -12.31 2.54 23.69
CA LEU A 272 -12.79 1.22 24.11
C LEU A 272 -14.00 1.38 25.03
N ASN A 273 -14.01 2.44 25.83
CA ASN A 273 -15.13 2.66 26.72
C ASN A 273 -16.34 3.08 25.88
N ALA A 274 -16.09 3.95 24.89
CA ALA A 274 -17.15 4.42 24.01
C ALA A 274 -17.85 3.28 23.27
N MET A 275 -17.12 2.22 22.94
CA MET A 275 -17.74 1.15 22.20
C MET A 275 -18.34 0.00 23.00
N LYS A 276 -18.35 0.12 24.33
CA LYS A 276 -18.91 -0.94 25.17
C LYS A 276 -20.35 -1.29 24.81
N PRO A 277 -21.28 -0.33 24.87
CA PRO A 277 -22.68 -0.63 24.54
C PRO A 277 -22.89 -1.17 23.12
N ASP A 278 -22.11 -0.69 22.15
CA ASP A 278 -22.23 -1.21 20.79
C ASP A 278 -21.82 -2.69 20.81
N LEU A 279 -20.74 -2.99 21.52
CA LEU A 279 -20.23 -4.36 21.64
C LEU A 279 -21.25 -5.31 22.23
N GLN A 280 -21.88 -4.89 23.32
CA GLN A 280 -22.88 -5.72 23.98
C GLN A 280 -24.03 -6.04 23.04
N ARG A 281 -24.55 -5.01 22.36
CA ARG A 281 -25.64 -5.19 21.43
C ARG A 281 -25.30 -6.14 20.28
N ALA A 282 -24.17 -5.91 19.63
CA ALA A 282 -23.75 -6.73 18.50
C ALA A 282 -23.42 -8.17 18.87
N LEU A 283 -22.88 -8.37 20.07
CA LEU A 283 -22.51 -9.72 20.46
C LEU A 283 -23.62 -10.43 21.21
N GLY A 284 -24.68 -9.70 21.53
CA GLY A 284 -25.80 -10.28 22.26
C GLY A 284 -25.48 -10.50 23.73
N ALA A 285 -24.73 -9.58 24.32
CA ALA A 285 -24.36 -9.70 25.72
C ALA A 285 -25.55 -9.56 26.67
N THR A 286 -25.46 -10.26 27.80
CA THR A 286 -26.50 -10.22 28.83
C THR A 286 -25.82 -9.70 30.09
N PRO A 287 -26.06 -8.43 30.45
CA PRO A 287 -25.47 -7.82 31.64
C PRO A 287 -25.46 -8.65 32.93
N ASN A 288 -24.38 -8.48 33.69
CA ASN A 288 -24.13 -9.19 34.95
C ASN A 288 -23.61 -10.59 34.67
N ALA B 1 29.56 41.66 2.97
CA ALA B 1 30.89 41.60 3.64
C ALA B 1 31.41 40.17 3.60
N PHE B 2 32.71 40.02 3.38
CA PHE B 2 33.32 38.71 3.35
C PHE B 2 33.36 38.19 4.78
N SER B 3 33.12 36.90 4.94
CA SER B 3 33.14 36.29 6.27
C SER B 3 34.59 36.27 6.77
N ARG B 4 35.53 36.05 5.84
CA ARG B 4 36.94 36.05 6.18
C ARG B 4 37.83 36.42 4.99
N PRO B 5 38.91 37.16 5.26
CA PRO B 5 39.92 37.66 4.32
C PRO B 5 40.34 36.71 3.20
N GLY B 6 40.74 35.50 3.55
CA GLY B 6 41.19 34.59 2.52
C GLY B 6 40.14 34.09 1.54
N LEU B 7 39.01 33.65 2.09
CA LEU B 7 37.93 33.07 1.32
C LEU B 7 36.95 34.04 0.64
N PRO B 8 36.23 33.53 -0.38
CA PRO B 8 35.24 34.28 -1.16
C PRO B 8 33.81 34.28 -0.61
N VAL B 9 33.59 33.61 0.51
CA VAL B 9 32.25 33.55 1.10
C VAL B 9 31.86 34.86 1.77
N GLU B 10 30.66 35.34 1.44
CA GLU B 10 30.16 36.59 1.99
C GLU B 10 28.88 36.38 2.79
N TYR B 11 28.59 37.35 3.66
CA TYR B 11 27.34 37.32 4.40
C TYR B 11 26.72 38.69 4.07
N LEU B 12 25.55 38.66 3.44
CA LEU B 12 24.87 39.88 3.02
C LEU B 12 23.59 40.16 3.80
N GLN B 13 23.24 41.43 3.86
CA GLN B 13 22.02 41.88 4.50
C GLN B 13 21.20 42.43 3.33
N VAL B 14 20.27 41.63 2.82
CA VAL B 14 19.48 42.08 1.69
C VAL B 14 18.12 42.67 2.07
N PRO B 15 17.87 43.92 1.65
CA PRO B 15 16.59 44.58 1.96
C PRO B 15 15.41 43.85 1.37
N SER B 16 14.39 43.64 2.19
CA SER B 16 13.17 42.98 1.72
C SER B 16 12.00 43.91 2.01
N PRO B 17 11.62 44.73 1.02
CA PRO B 17 10.50 45.66 1.22
C PRO B 17 9.24 44.92 1.69
N SER B 18 8.96 43.77 1.06
CA SER B 18 7.79 42.99 1.39
C SER B 18 7.72 42.48 2.83
N MET B 19 8.87 42.24 3.45
CA MET B 19 8.87 41.74 4.82
C MET B 19 9.22 42.81 5.85
N GLY B 20 9.59 43.99 5.38
CA GLY B 20 9.92 45.08 6.27
C GLY B 20 11.21 44.96 7.06
N ARG B 21 12.12 44.12 6.59
CA ARG B 21 13.39 43.93 7.28
C ARG B 21 14.45 43.42 6.32
N ASP B 22 15.67 43.31 6.82
CA ASP B 22 16.76 42.79 6.01
C ASP B 22 16.85 41.29 6.17
N ILE B 23 17.04 40.60 5.06
CA ILE B 23 17.17 39.15 5.09
C ILE B 23 18.65 38.80 4.94
N LYS B 24 19.17 38.01 5.86
CA LYS B 24 20.56 37.60 5.78
C LYS B 24 20.71 36.55 4.69
N VAL B 25 21.75 36.68 3.87
CA VAL B 25 21.99 35.74 2.79
C VAL B 25 23.48 35.41 2.74
N GLN B 26 23.81 34.12 2.65
CA GLN B 26 25.20 33.71 2.54
C GLN B 26 25.46 33.67 1.04
N PHE B 27 26.60 34.20 0.61
CA PHE B 27 26.88 34.31 -0.81
C PHE B 27 28.33 34.08 -1.24
N GLN B 28 28.48 33.54 -2.45
CA GLN B 28 29.78 33.28 -3.06
C GLN B 28 29.63 33.50 -4.55
N SER B 29 30.30 34.53 -5.07
CA SER B 29 30.25 34.85 -6.50
C SER B 29 30.88 33.83 -7.42
N GLY B 30 30.27 33.66 -8.59
CA GLY B 30 30.78 32.74 -9.58
C GLY B 30 31.29 33.57 -10.76
N GLY B 31 31.42 34.87 -10.55
CA GLY B 31 31.90 35.75 -11.60
C GLY B 31 30.82 36.67 -12.11
N ALA B 32 31.25 37.75 -12.76
CA ALA B 32 30.35 38.74 -13.32
C ALA B 32 29.34 38.13 -14.27
N ASN B 33 28.07 38.41 -13.99
CA ASN B 33 26.95 37.92 -14.76
C ASN B 33 26.92 36.39 -14.85
N SER B 34 27.32 35.72 -13.78
CA SER B 34 27.30 34.26 -13.75
C SER B 34 25.92 33.75 -13.28
N PRO B 35 25.54 32.53 -13.68
CA PRO B 35 24.25 31.97 -13.27
C PRO B 35 24.21 31.78 -11.75
N ALA B 36 23.02 31.84 -11.17
CA ALA B 36 22.87 31.66 -9.73
C ALA B 36 22.35 30.26 -9.38
N LEU B 37 22.75 29.81 -8.22
CA LEU B 37 22.33 28.52 -7.69
C LEU B 37 21.76 28.82 -6.30
N TYR B 38 20.44 28.81 -6.18
CA TYR B 38 19.79 29.06 -4.91
C TYR B 38 19.69 27.74 -4.14
N LEU B 39 20.15 27.76 -2.88
CA LEU B 39 20.09 26.59 -2.03
C LEU B 39 19.14 26.91 -0.88
N LEU B 40 17.99 26.25 -0.86
CA LEU B 40 17.01 26.49 0.20
C LEU B 40 17.21 25.56 1.38
N ASP B 41 17.05 26.12 2.58
CA ASP B 41 17.23 25.37 3.81
C ASP B 41 16.01 24.53 4.18
N GLY B 42 16.16 23.71 5.21
CA GLY B 42 15.08 22.84 5.65
C GLY B 42 14.09 23.49 6.60
N LEU B 43 13.18 22.69 7.12
CA LEU B 43 12.12 23.15 8.03
C LEU B 43 12.63 24.00 9.20
N ARG B 44 13.70 23.53 9.84
CA ARG B 44 14.25 24.23 10.99
C ARG B 44 15.41 25.15 10.65
N ALA B 45 15.19 26.00 9.64
CA ALA B 45 16.20 26.96 9.21
C ALA B 45 16.50 27.93 10.35
N GLN B 46 17.78 28.10 10.65
CA GLN B 46 18.20 28.99 11.72
C GLN B 46 18.53 30.39 11.20
N ASP B 47 18.63 31.35 12.11
CA ASP B 47 18.91 32.73 11.74
C ASP B 47 20.38 33.13 11.68
N ASP B 48 21.28 32.20 11.94
CA ASP B 48 22.69 32.53 11.88
C ASP B 48 23.34 32.03 10.59
N PHE B 49 23.02 30.80 10.20
CA PHE B 49 23.58 30.23 8.97
C PHE B 49 22.62 29.26 8.29
N SER B 50 22.82 29.09 6.99
CA SER B 50 22.00 28.16 6.23
C SER B 50 22.51 26.74 6.55
N GLY B 51 21.58 25.80 6.69
CA GLY B 51 21.98 24.43 6.96
C GLY B 51 22.95 23.91 5.91
N TRP B 52 22.88 24.50 4.71
CA TRP B 52 23.78 24.09 3.64
C TRP B 52 25.23 24.37 3.97
N ASP B 53 25.47 25.44 4.73
CA ASP B 53 26.83 25.76 5.09
C ASP B 53 27.22 25.08 6.40
N ILE B 54 26.22 24.89 7.25
CA ILE B 54 26.43 24.24 8.54
C ILE B 54 26.77 22.76 8.40
N ASN B 55 26.17 22.09 7.42
CA ASN B 55 26.37 20.66 7.27
C ASN B 55 27.03 20.15 6.00
N THR B 56 27.40 21.02 5.07
CA THR B 56 28.03 20.55 3.85
C THR B 56 29.13 21.50 3.39
N PRO B 57 30.01 21.01 2.50
CA PRO B 57 31.12 21.79 1.93
C PRO B 57 30.64 22.50 0.67
N ALA B 58 29.33 22.72 0.59
CA ALA B 58 28.70 23.38 -0.55
C ALA B 58 29.52 24.52 -1.15
N PHE B 59 29.91 25.50 -0.34
CA PHE B 59 30.68 26.62 -0.87
C PHE B 59 32.03 26.20 -1.46
N GLU B 60 32.74 25.35 -0.73
CA GLU B 60 34.04 24.87 -1.19
C GLU B 60 33.90 24.13 -2.52
N TRP B 61 32.98 23.18 -2.59
CA TRP B 61 32.76 22.41 -3.82
C TRP B 61 32.43 23.26 -5.03
N TYR B 62 31.71 24.35 -4.80
CA TYR B 62 31.28 25.19 -5.90
C TYR B 62 32.15 26.37 -6.23
N ASP B 63 33.18 26.58 -5.42
CA ASP B 63 34.12 27.66 -5.65
C ASP B 63 34.74 27.48 -7.04
N GLN B 64 34.80 28.56 -7.81
CA GLN B 64 35.37 28.52 -9.16
C GLN B 64 34.64 27.60 -10.13
N SER B 65 33.33 27.45 -9.96
CA SER B 65 32.53 26.60 -10.84
C SER B 65 31.81 27.46 -11.87
N GLY B 66 31.90 28.77 -11.70
CA GLY B 66 31.21 29.65 -12.62
C GLY B 66 29.76 29.81 -12.20
N LEU B 67 29.43 29.26 -11.03
CA LEU B 67 28.08 29.37 -10.49
C LEU B 67 28.10 30.13 -9.15
N SER B 68 27.21 31.10 -9.02
CA SER B 68 27.11 31.89 -7.79
C SER B 68 26.21 31.13 -6.82
N VAL B 69 26.71 30.90 -5.60
CA VAL B 69 25.93 30.17 -4.62
C VAL B 69 25.19 31.13 -3.70
N VAL B 70 23.87 30.96 -3.64
CA VAL B 70 23.01 31.81 -2.82
C VAL B 70 22.31 31.00 -1.74
N MET B 71 22.60 31.32 -0.48
CA MET B 71 21.98 30.63 0.65
C MET B 71 21.20 31.58 1.54
N PRO B 72 19.91 31.77 1.29
CA PRO B 72 19.15 32.68 2.16
C PRO B 72 19.17 32.09 3.55
N VAL B 73 19.18 32.96 4.56
CA VAL B 73 19.24 32.52 5.96
C VAL B 73 17.94 32.80 6.69
N GLY B 74 17.45 31.83 7.44
CA GLY B 74 16.24 32.04 8.22
C GLY B 74 14.95 31.57 7.56
N GLY B 75 13.82 31.91 8.18
CA GLY B 75 12.53 31.51 7.64
C GLY B 75 12.07 30.14 8.07
N GLN B 76 12.25 29.82 9.35
CA GLN B 76 11.82 28.52 9.84
C GLN B 76 10.35 28.29 9.52
N SER B 77 10.04 27.10 8.99
CA SER B 77 8.67 26.71 8.67
C SER B 77 7.98 27.60 7.63
N SER B 78 8.76 28.44 6.96
CA SER B 78 8.19 29.33 5.96
C SER B 78 7.77 28.64 4.67
N PHE B 79 8.43 27.53 4.35
CA PHE B 79 8.17 26.79 3.12
C PHE B 79 8.50 27.71 1.95
N TYR B 80 9.25 28.77 2.25
CA TYR B 80 9.65 29.76 1.25
C TYR B 80 8.46 30.23 0.44
N SER B 81 7.37 30.53 1.13
CA SER B 81 6.14 30.97 0.47
C SER B 81 5.68 32.35 0.97
N ASP B 82 4.64 32.86 0.33
CA ASP B 82 4.07 34.14 0.75
C ASP B 82 2.84 33.79 1.59
N TRP B 83 2.91 34.13 2.88
CA TRP B 83 1.84 33.82 3.81
C TRP B 83 0.67 34.80 3.75
N TYR B 84 -0.54 34.27 3.99
CA TYR B 84 -1.77 35.06 4.01
C TYR B 84 -1.76 35.96 5.25
N GLN B 85 -1.43 35.35 6.39
CA GLN B 85 -1.39 36.03 7.68
C GLN B 85 0.03 36.14 8.20
N PRO B 86 0.27 37.03 9.17
CA PRO B 86 1.62 37.17 9.72
C PRO B 86 2.10 35.81 10.20
N ALA B 87 3.41 35.60 10.20
CA ALA B 87 3.98 34.34 10.67
C ALA B 87 4.19 34.44 12.18
N CYS B 88 3.22 33.94 12.94
CA CYS B 88 3.29 33.97 14.39
C CYS B 88 3.66 32.63 14.99
N GLY B 89 4.66 32.65 15.86
CA GLY B 89 5.12 31.44 16.53
C GLY B 89 5.48 31.77 17.96
N LYS B 90 6.18 30.86 18.63
CA LYS B 90 6.57 31.06 20.02
C LYS B 90 7.38 32.34 20.22
N ALA B 91 8.30 32.61 19.30
CA ALA B 91 9.16 33.80 19.40
C ALA B 91 8.44 35.11 19.08
N GLY B 92 7.25 35.02 18.49
CA GLY B 92 6.50 36.22 18.14
C GLY B 92 6.08 36.19 16.68
N CYS B 93 5.58 37.31 16.15
CA CYS B 93 5.19 37.35 14.75
C CYS B 93 6.16 38.18 13.89
N GLN B 94 6.11 37.94 12.60
CA GLN B 94 6.91 38.66 11.62
C GLN B 94 6.34 38.32 10.25
N THR B 95 6.61 39.17 9.26
CA THR B 95 6.08 38.90 7.93
C THR B 95 6.90 37.88 7.13
N TYR B 96 6.20 36.94 6.50
CA TYR B 96 6.82 35.92 5.66
C TYR B 96 6.32 36.10 4.24
N LYS B 97 7.18 36.63 3.36
CA LYS B 97 6.85 36.82 1.94
C LYS B 97 8.09 36.34 1.25
N TRP B 98 8.44 35.08 1.51
CA TRP B 98 9.63 34.48 0.95
C TRP B 98 9.61 34.23 -0.54
N GLU B 99 8.43 33.99 -1.10
CA GLU B 99 8.39 33.77 -2.55
C GLU B 99 8.69 35.09 -3.25
N THR B 100 8.11 36.17 -2.73
CA THR B 100 8.36 37.48 -3.30
C THR B 100 9.82 37.81 -3.15
N PHE B 101 10.34 37.60 -1.95
CA PHE B 101 11.75 37.87 -1.69
C PHE B 101 12.68 37.13 -2.66
N LEU B 102 12.48 35.81 -2.81
CA LEU B 102 13.32 35.01 -3.68
C LEU B 102 13.14 35.24 -5.19
N THR B 103 11.97 35.68 -5.62
CA THR B 103 11.71 35.86 -7.05
C THR B 103 11.84 37.27 -7.58
N SER B 104 12.12 38.23 -6.71
CA SER B 104 12.28 39.60 -7.18
C SER B 104 13.27 40.44 -6.36
N GLU B 105 13.06 40.51 -5.05
CA GLU B 105 13.93 41.28 -4.18
C GLU B 105 15.39 40.76 -4.13
N LEU B 106 15.57 39.45 -3.94
CA LEU B 106 16.91 38.89 -3.85
C LEU B 106 17.65 38.94 -5.19
N PRO B 107 17.03 38.43 -6.26
CA PRO B 107 17.71 38.47 -7.57
C PRO B 107 17.93 39.92 -8.01
N GLY B 108 16.98 40.78 -7.70
CA GLY B 108 17.12 42.18 -8.07
C GLY B 108 18.32 42.82 -7.38
N TRP B 109 18.46 42.58 -6.09
CA TRP B 109 19.59 43.14 -5.32
C TRP B 109 20.93 42.50 -5.75
N LEU B 110 20.91 41.20 -6.03
CA LEU B 110 22.13 40.51 -6.44
C LEU B 110 22.62 41.00 -7.80
N GLN B 111 21.70 41.46 -8.64
CA GLN B 111 22.10 41.97 -9.94
C GLN B 111 22.70 43.35 -9.77
N ALA B 112 22.04 44.17 -8.96
CA ALA B 112 22.52 45.53 -8.76
C ALA B 112 23.80 45.62 -7.93
N ASN B 113 23.99 44.70 -7.00
CA ASN B 113 25.15 44.79 -6.11
C ASN B 113 26.26 43.76 -6.23
N ARG B 114 26.02 42.67 -6.94
CA ARG B 114 27.05 41.66 -7.08
C ARG B 114 27.11 41.14 -8.50
N HIS B 115 26.40 41.81 -9.40
CA HIS B 115 26.39 41.43 -10.79
C HIS B 115 26.06 39.95 -11.02
N VAL B 116 25.05 39.46 -10.30
CA VAL B 116 24.63 38.09 -10.45
C VAL B 116 23.51 38.08 -11.51
N LYS B 117 23.59 37.16 -12.46
CA LYS B 117 22.59 37.07 -13.52
C LYS B 117 21.21 36.75 -12.92
N PRO B 118 20.22 37.65 -13.15
CA PRO B 118 18.87 37.48 -12.61
C PRO B 118 18.05 36.30 -13.14
N THR B 119 18.37 35.81 -14.33
CA THR B 119 17.61 34.69 -14.88
C THR B 119 18.50 33.49 -15.20
N GLY B 120 17.87 32.39 -15.61
CA GLY B 120 18.62 31.20 -15.92
C GLY B 120 19.32 30.66 -14.68
N SER B 121 18.60 30.68 -13.56
CA SER B 121 19.14 30.21 -12.28
C SER B 121 18.63 28.80 -11.97
N ALA B 122 19.17 28.23 -10.90
CA ALA B 122 18.75 26.92 -10.45
C ALA B 122 18.35 27.08 -8.98
N VAL B 123 17.40 26.27 -8.53
CA VAL B 123 16.98 26.34 -7.14
C VAL B 123 16.88 24.90 -6.64
N VAL B 124 17.53 24.66 -5.50
CA VAL B 124 17.56 23.32 -4.92
C VAL B 124 17.18 23.35 -3.45
N GLY B 125 16.20 22.55 -3.07
CA GLY B 125 15.77 22.49 -1.68
C GLY B 125 15.73 21.06 -1.17
N LEU B 126 15.70 20.90 0.14
CA LEU B 126 15.65 19.56 0.72
C LEU B 126 14.56 19.56 1.77
N SER B 127 14.01 18.38 2.06
CA SER B 127 12.96 18.25 3.06
C SER B 127 11.85 19.29 2.77
N MET B 128 11.59 20.17 3.75
CA MET B 128 10.57 21.21 3.58
C MET B 128 10.66 21.94 2.23
N ALA B 129 11.85 22.46 1.93
CA ALA B 129 12.10 23.23 0.73
C ALA B 129 12.11 22.43 -0.57
N ALA B 130 12.03 21.11 -0.48
CA ALA B 130 12.06 20.32 -1.68
C ALA B 130 10.90 20.70 -2.61
N SER B 131 9.69 20.75 -2.07
CA SER B 131 8.53 21.09 -2.89
C SER B 131 8.59 22.56 -3.27
N SER B 132 9.18 23.36 -2.40
CA SER B 132 9.31 24.78 -2.67
C SER B 132 10.11 25.00 -3.94
N ALA B 133 11.27 24.34 -4.04
CA ALA B 133 12.11 24.50 -5.20
C ALA B 133 11.33 24.25 -6.49
N LEU B 134 10.50 23.21 -6.49
CA LEU B 134 9.70 22.88 -7.67
C LEU B 134 8.64 23.92 -7.94
N THR B 135 7.92 24.30 -6.89
CA THR B 135 6.88 25.29 -7.01
C THR B 135 7.45 26.59 -7.61
N LEU B 136 8.60 27.02 -7.09
CA LEU B 136 9.23 28.23 -7.58
C LEU B 136 9.50 28.19 -9.09
N ALA B 137 10.02 27.07 -9.57
CA ALA B 137 10.31 26.93 -10.99
C ALA B 137 9.02 26.94 -11.80
N ILE B 138 7.97 26.40 -11.19
CA ILE B 138 6.66 26.30 -11.82
C ILE B 138 6.03 27.65 -12.11
N TYR B 139 6.19 28.58 -11.17
CA TYR B 139 5.59 29.90 -11.33
C TYR B 139 6.57 30.99 -11.71
N HIS B 140 7.81 30.59 -11.96
CA HIS B 140 8.87 31.54 -12.32
C HIS B 140 9.89 30.81 -13.19
N PRO B 141 9.44 30.28 -14.34
CA PRO B 141 10.35 29.55 -15.24
C PRO B 141 11.46 30.40 -15.88
N GLN B 142 11.26 31.70 -15.98
CA GLN B 142 12.30 32.55 -16.57
C GLN B 142 13.48 32.62 -15.60
N GLN B 143 13.17 32.74 -14.32
CA GLN B 143 14.21 32.85 -13.31
C GLN B 143 14.86 31.51 -13.02
N PHE B 144 14.03 30.50 -12.77
CA PHE B 144 14.53 29.16 -12.45
C PHE B 144 14.29 28.19 -13.57
N VAL B 145 15.34 27.86 -14.29
CA VAL B 145 15.23 26.92 -15.40
C VAL B 145 15.62 25.53 -14.94
N TYR B 146 16.06 25.45 -13.69
CA TYR B 146 16.54 24.20 -13.11
C TYR B 146 16.03 24.09 -11.67
N ALA B 147 15.47 22.93 -11.31
CA ALA B 147 14.95 22.75 -9.96
C ALA B 147 15.38 21.42 -9.32
N GLY B 148 15.87 21.53 -8.08
CA GLY B 148 16.31 20.37 -7.33
C GLY B 148 15.45 20.11 -6.11
N ALA B 149 14.92 18.91 -6.03
CA ALA B 149 14.08 18.51 -4.90
C ALA B 149 14.68 17.27 -4.27
N MET B 150 15.13 17.43 -3.03
CA MET B 150 15.73 16.34 -2.27
C MET B 150 14.87 15.94 -1.09
N SER B 151 14.39 14.69 -1.12
CA SER B 151 13.60 14.12 -0.02
C SER B 151 12.45 15.00 0.44
N GLY B 152 11.61 15.46 -0.48
CA GLY B 152 10.51 16.29 -0.06
C GLY B 152 9.15 15.62 -0.16
N LEU B 153 8.16 16.26 0.44
CA LEU B 153 6.79 15.79 0.41
C LEU B 153 6.24 16.52 -0.82
N LEU B 154 6.31 15.87 -1.97
CA LEU B 154 5.90 16.47 -3.23
C LEU B 154 4.41 16.58 -3.56
N ASP B 155 3.53 16.13 -2.67
CA ASP B 155 2.10 16.22 -2.89
C ASP B 155 1.48 16.69 -1.58
N PRO B 156 1.98 17.82 -1.04
CA PRO B 156 1.55 18.43 0.22
C PRO B 156 0.07 18.77 0.42
N SER B 157 -0.68 18.95 -0.66
CA SER B 157 -2.09 19.30 -0.51
C SER B 157 -2.93 18.03 -0.41
N GLN B 158 -2.31 16.88 -0.65
CA GLN B 158 -3.04 15.62 -0.62
C GLN B 158 -2.84 14.76 0.61
N ALA B 159 -3.82 13.87 0.84
CA ALA B 159 -3.83 12.95 1.98
C ALA B 159 -3.76 13.72 3.30
N MET B 160 -2.82 13.36 4.16
CA MET B 160 -2.67 14.04 5.43
C MET B 160 -1.53 15.07 5.35
N GLY B 161 -1.11 15.36 4.12
CA GLY B 161 -0.06 16.33 3.89
C GLY B 161 -0.27 17.62 4.68
N PRO B 162 -1.43 18.26 4.54
CA PRO B 162 -1.71 19.51 5.26
C PRO B 162 -1.61 19.36 6.78
N THR B 163 -2.19 18.29 7.30
CA THR B 163 -2.17 18.05 8.73
C THR B 163 -0.74 17.73 9.17
N LEU B 164 -0.04 16.93 8.38
CA LEU B 164 1.33 16.58 8.71
C LEU B 164 2.22 17.82 8.69
N ILE B 165 2.02 18.68 7.69
CA ILE B 165 2.79 19.92 7.59
C ILE B 165 2.46 20.80 8.80
N GLY B 166 1.21 20.72 9.25
CA GLY B 166 0.80 21.49 10.40
C GLY B 166 1.57 21.07 11.64
N LEU B 167 1.71 19.76 11.83
CA LEU B 167 2.44 19.27 13.00
C LEU B 167 3.89 19.72 12.91
N ALA B 168 4.50 19.54 11.75
CA ALA B 168 5.88 19.96 11.54
C ALA B 168 6.05 21.44 11.89
N MET B 169 5.17 22.27 11.35
CA MET B 169 5.24 23.70 11.61
C MET B 169 4.99 24.06 13.06
N GLY B 170 4.15 23.28 13.73
CA GLY B 170 3.86 23.54 15.12
C GLY B 170 5.08 23.23 15.98
N ASP B 171 5.79 22.17 15.62
CA ASP B 171 6.96 21.79 16.38
C ASP B 171 8.21 22.60 16.00
N ALA B 172 8.23 23.13 14.79
CA ALA B 172 9.36 23.92 14.32
C ALA B 172 9.09 25.40 14.42
N GLY B 173 8.84 25.87 15.63
CA GLY B 173 8.59 27.29 15.85
C GLY B 173 7.21 27.58 16.40
N GLY B 174 6.30 26.63 16.26
CA GLY B 174 4.95 26.84 16.76
C GLY B 174 4.12 27.71 15.84
N TYR B 175 4.15 27.40 14.54
CA TYR B 175 3.39 28.15 13.56
C TYR B 175 2.13 27.42 13.13
N LYS B 176 1.17 28.17 12.61
CA LYS B 176 -0.09 27.58 12.16
C LYS B 176 -0.14 27.52 10.64
N ALA B 177 -0.11 26.32 10.09
CA ALA B 177 -0.16 26.14 8.64
C ALA B 177 -1.25 26.99 8.00
N SER B 178 -2.37 27.17 8.70
CA SER B 178 -3.47 27.96 8.16
C SER B 178 -3.07 29.43 7.93
N ASP B 179 -2.19 29.96 8.76
CA ASP B 179 -1.76 31.34 8.57
C ASP B 179 -1.01 31.47 7.25
N MET B 180 -0.41 30.36 6.82
CA MET B 180 0.35 30.33 5.59
C MET B 180 -0.52 30.17 4.35
N TRP B 181 -1.21 29.05 4.23
CA TRP B 181 -2.07 28.82 3.07
C TRP B 181 -3.56 28.66 3.41
N GLY B 182 -3.92 29.06 4.62
CA GLY B 182 -5.31 28.96 5.05
C GLY B 182 -5.78 27.53 5.25
N PRO B 183 -7.10 27.30 5.29
CA PRO B 183 -7.69 25.97 5.46
C PRO B 183 -7.29 25.05 4.31
N LYS B 184 -7.41 23.75 4.51
CA LYS B 184 -7.04 22.78 3.47
C LYS B 184 -7.89 22.94 2.21
N GLU B 185 -8.99 23.66 2.34
CA GLU B 185 -9.93 23.89 1.23
C GLU B 185 -9.48 25.05 0.36
N ASP B 186 -8.60 25.89 0.90
CA ASP B 186 -8.09 27.04 0.17
C ASP B 186 -7.24 26.59 -1.03
N PRO B 187 -7.40 27.27 -2.18
CA PRO B 187 -6.65 26.93 -3.39
C PRO B 187 -5.13 27.08 -3.28
N ALA B 188 -4.67 27.74 -2.21
CA ALA B 188 -3.23 27.93 -1.99
C ALA B 188 -2.50 26.59 -1.90
N TRP B 189 -3.16 25.60 -1.30
CA TRP B 189 -2.58 24.26 -1.15
C TRP B 189 -2.37 23.58 -2.50
N GLN B 190 -3.42 23.53 -3.31
CA GLN B 190 -3.30 22.88 -4.62
C GLN B 190 -2.25 23.64 -5.43
N ARG B 191 -2.23 24.96 -5.28
CA ARG B 191 -1.29 25.81 -6.00
C ARG B 191 0.16 25.49 -5.66
N ASN B 192 0.42 25.15 -4.41
CA ASN B 192 1.78 24.86 -3.98
C ASN B 192 2.13 23.37 -3.98
N ASP B 193 1.35 22.60 -4.71
CA ASP B 193 1.57 21.16 -4.81
C ASP B 193 2.25 20.84 -6.14
N PRO B 194 3.55 20.51 -6.10
CA PRO B 194 4.29 20.19 -7.32
C PRO B 194 3.66 19.07 -8.14
N LEU B 195 3.20 18.01 -7.48
CA LEU B 195 2.58 16.88 -8.18
C LEU B 195 1.36 17.32 -8.99
N LEU B 196 0.53 18.15 -8.38
CA LEU B 196 -0.67 18.63 -9.07
C LEU B 196 -0.34 19.62 -10.17
N ASN B 197 0.89 20.13 -10.20
CA ASN B 197 1.26 21.10 -11.22
C ASN B 197 2.45 20.65 -12.04
N VAL B 198 2.74 19.35 -12.01
CA VAL B 198 3.86 18.81 -12.75
C VAL B 198 3.78 19.19 -14.22
N GLY B 199 2.56 19.45 -14.70
CA GLY B 199 2.36 19.82 -16.08
C GLY B 199 3.16 21.04 -16.49
N LYS B 200 3.14 22.07 -15.66
CA LYS B 200 3.87 23.30 -15.96
C LYS B 200 5.37 23.00 -16.13
N LEU B 201 5.95 22.23 -15.21
CA LEU B 201 7.36 21.88 -15.29
C LEU B 201 7.64 21.21 -16.63
N ILE B 202 6.70 20.40 -17.08
CA ILE B 202 6.84 19.70 -18.35
C ILE B 202 6.77 20.69 -19.52
N ALA B 203 5.78 21.58 -19.48
CA ALA B 203 5.60 22.56 -20.54
C ALA B 203 6.80 23.50 -20.69
N ASN B 204 7.29 24.03 -19.57
CA ASN B 204 8.43 24.93 -19.59
C ASN B 204 9.74 24.21 -19.81
N ASN B 205 9.66 22.89 -19.91
CA ASN B 205 10.84 22.06 -20.11
C ASN B 205 11.90 22.35 -19.03
N THR B 206 11.43 22.63 -17.82
CA THR B 206 12.29 22.90 -16.69
C THR B 206 13.18 21.69 -16.41
N ARG B 207 14.47 21.92 -16.18
CA ARG B 207 15.37 20.80 -15.88
C ARG B 207 15.06 20.39 -14.45
N VAL B 208 14.53 19.17 -14.31
CA VAL B 208 14.15 18.63 -13.00
C VAL B 208 15.11 17.60 -12.45
N TRP B 209 15.42 17.70 -11.16
CA TRP B 209 16.31 16.74 -10.51
C TRP B 209 15.76 16.40 -9.13
N VAL B 210 15.11 15.24 -9.04
CA VAL B 210 14.52 14.79 -7.79
C VAL B 210 15.29 13.63 -7.15
N TYR B 211 15.44 13.68 -5.84
CA TYR B 211 16.15 12.63 -5.10
C TYR B 211 15.42 12.20 -3.85
N CYS B 212 15.54 10.91 -3.50
CA CYS B 212 14.93 10.39 -2.28
C CYS B 212 15.45 9.00 -1.94
N GLY B 213 15.91 8.86 -0.70
CA GLY B 213 16.43 7.59 -0.23
C GLY B 213 15.29 6.65 0.16
N ASN B 214 15.64 5.47 0.67
CA ASN B 214 14.61 4.50 1.05
C ASN B 214 14.50 4.17 2.54
N GLY B 215 15.20 4.91 3.39
CA GLY B 215 15.12 4.65 4.81
C GLY B 215 16.23 3.74 5.33
N LYS B 216 17.02 3.18 4.43
CA LYS B 216 18.13 2.31 4.80
C LYS B 216 19.43 3.11 4.76
N PRO B 217 20.03 3.37 5.93
CA PRO B 217 21.28 4.14 5.96
C PRO B 217 22.43 3.38 5.33
N SER B 218 23.39 4.13 4.80
CA SER B 218 24.58 3.54 4.19
C SER B 218 25.78 4.06 4.99
N ASP B 219 26.98 3.82 4.49
CA ASP B 219 28.18 4.28 5.18
C ASP B 219 28.20 5.79 5.42
N LEU B 220 27.37 6.52 4.67
CA LEU B 220 27.31 7.97 4.83
C LEU B 220 26.81 8.41 6.21
N GLY B 221 25.93 7.60 6.83
CA GLY B 221 25.43 7.94 8.16
C GLY B 221 23.93 8.17 8.30
N GLY B 222 23.57 9.14 9.13
CA GLY B 222 22.17 9.45 9.34
C GLY B 222 21.41 8.23 9.78
N ASN B 223 22.03 7.46 10.67
CA ASN B 223 21.44 6.23 11.17
C ASN B 223 20.71 6.39 12.49
N ASN B 224 19.48 6.91 12.41
CA ASN B 224 18.62 7.10 13.59
C ASN B 224 17.18 6.89 13.12
N LEU B 225 16.33 6.40 14.02
CA LEU B 225 14.95 6.09 13.66
C LEU B 225 14.19 7.21 12.93
N PRO B 226 14.11 8.39 13.54
CA PRO B 226 13.39 9.50 12.89
C PRO B 226 13.80 9.72 11.44
N ALA B 227 15.11 9.71 11.19
CA ALA B 227 15.63 9.92 9.84
C ALA B 227 15.21 8.83 8.86
N LYS B 228 15.23 7.58 9.32
CA LYS B 228 14.85 6.44 8.48
C LYS B 228 13.36 6.52 8.13
N PHE B 229 12.53 6.69 9.14
CA PHE B 229 11.08 6.77 8.98
C PHE B 229 10.62 7.88 8.03
N LEU B 230 11.13 9.09 8.24
CA LEU B 230 10.76 10.24 7.40
C LEU B 230 11.14 10.02 5.93
N GLU B 231 12.31 9.47 5.69
CA GLU B 231 12.74 9.21 4.34
C GLU B 231 11.78 8.20 3.71
N GLY B 232 11.44 7.16 4.48
CA GLY B 232 10.53 6.15 3.98
C GLY B 232 9.15 6.74 3.73
N PHE B 233 8.72 7.61 4.64
CA PHE B 233 7.43 8.26 4.53
C PHE B 233 7.26 9.18 3.31
N VAL B 234 8.28 9.95 2.96
CA VAL B 234 8.15 10.87 1.83
C VAL B 234 8.44 10.23 0.47
N ARG B 235 9.11 9.09 0.46
CA ARG B 235 9.46 8.45 -0.80
C ARG B 235 8.28 8.16 -1.71
N THR B 236 7.12 7.89 -1.12
CA THR B 236 5.96 7.59 -1.95
C THR B 236 5.57 8.76 -2.85
N SER B 237 5.54 9.97 -2.29
CA SER B 237 5.19 11.14 -3.10
C SER B 237 6.23 11.36 -4.20
N ASN B 238 7.48 11.02 -3.94
CA ASN B 238 8.54 11.19 -4.92
C ASN B 238 8.37 10.22 -6.08
N ILE B 239 7.96 8.99 -5.78
CA ILE B 239 7.73 8.00 -6.83
C ILE B 239 6.51 8.41 -7.66
N LYS B 240 5.47 8.91 -6.98
CA LYS B 240 4.27 9.36 -7.66
C LYS B 240 4.60 10.52 -8.59
N PHE B 241 5.52 11.38 -8.14
CA PHE B 241 5.93 12.53 -8.92
C PHE B 241 6.64 12.08 -10.19
N GLN B 242 7.56 11.13 -10.06
CA GLN B 242 8.26 10.64 -11.23
C GLN B 242 7.23 10.12 -12.22
N ASP B 243 6.41 9.17 -11.77
CA ASP B 243 5.39 8.59 -12.63
C ASP B 243 4.56 9.65 -13.35
N ALA B 244 4.13 10.67 -12.64
CA ALA B 244 3.33 11.72 -13.25
C ALA B 244 4.18 12.53 -14.23
N TYR B 245 5.45 12.72 -13.89
CA TYR B 245 6.34 13.49 -14.75
C TYR B 245 6.50 12.80 -16.10
N ASN B 246 6.86 11.53 -16.06
CA ASN B 246 7.06 10.76 -17.29
C ASN B 246 5.76 10.61 -18.08
N ALA B 247 4.69 10.29 -17.39
CA ALA B 247 3.38 10.12 -18.00
C ALA B 247 2.88 11.37 -18.72
N GLY B 248 3.23 12.55 -18.20
CA GLY B 248 2.78 13.79 -18.81
C GLY B 248 3.67 14.29 -19.93
N GLY B 249 4.75 13.58 -20.23
CA GLY B 249 5.63 13.99 -21.31
C GLY B 249 6.97 14.60 -20.92
N GLY B 250 7.28 14.66 -19.64
CA GLY B 250 8.56 15.24 -19.24
C GLY B 250 9.73 14.51 -19.88
N HIS B 251 10.73 15.26 -20.31
CA HIS B 251 11.90 14.66 -20.96
C HIS B 251 13.18 15.39 -20.59
N ASN B 252 13.17 16.09 -19.47
CA ASN B 252 14.34 16.83 -19.03
C ASN B 252 14.50 16.73 -17.52
N GLY B 253 14.27 15.53 -17.00
CA GLY B 253 14.39 15.33 -15.56
C GLY B 253 15.27 14.16 -15.15
N VAL B 254 15.89 14.31 -13.99
CA VAL B 254 16.74 13.25 -13.45
C VAL B 254 16.10 12.77 -12.16
N PHE B 255 16.02 11.46 -12.01
CA PHE B 255 15.43 10.86 -10.82
C PHE B 255 16.41 9.88 -10.19
N ASP B 256 16.84 10.20 -8.98
CA ASP B 256 17.78 9.34 -8.26
C ASP B 256 17.16 8.82 -6.97
N PHE B 257 16.62 7.60 -7.05
CA PHE B 257 15.99 6.93 -5.92
C PHE B 257 16.78 5.67 -5.62
N PRO B 258 17.93 5.81 -4.96
CA PRO B 258 18.79 4.68 -4.62
C PRO B 258 18.17 3.75 -3.57
N ASP B 259 18.87 2.65 -3.30
CA ASP B 259 18.43 1.69 -2.32
C ASP B 259 19.18 1.95 -1.04
N SER B 260 19.03 3.18 -0.55
CA SER B 260 19.67 3.65 0.68
C SER B 260 19.32 5.11 0.85
N GLY B 261 19.73 5.68 1.98
CA GLY B 261 19.47 7.08 2.24
C GLY B 261 18.36 7.34 3.21
N THR B 262 18.64 8.19 4.20
CA THR B 262 17.67 8.57 5.21
C THR B 262 17.55 10.09 5.17
N HIS B 263 16.61 10.62 5.94
CA HIS B 263 16.36 12.06 5.98
C HIS B 263 17.48 12.76 6.75
N SER B 264 18.68 12.78 6.18
CA SER B 264 19.82 13.40 6.85
C SER B 264 20.75 14.15 5.89
N TRP B 265 21.40 15.19 6.41
CA TRP B 265 22.31 16.02 5.62
C TRP B 265 23.44 15.33 4.85
N GLU B 266 24.00 14.26 5.41
CA GLU B 266 25.10 13.56 4.73
C GLU B 266 24.65 13.15 3.35
N TYR B 267 23.37 12.84 3.21
CA TYR B 267 22.84 12.42 1.93
C TYR B 267 22.55 13.60 1.01
N TRP B 268 22.02 14.68 1.59
CA TRP B 268 21.70 15.85 0.79
C TRP B 268 22.98 16.52 0.28
N GLY B 269 24.01 16.50 1.12
CA GLY B 269 25.27 17.08 0.72
C GLY B 269 25.84 16.29 -0.43
N ALA B 270 25.87 14.97 -0.30
CA ALA B 270 26.41 14.13 -1.37
C ALA B 270 25.66 14.37 -2.69
N GLN B 271 24.35 14.51 -2.62
CA GLN B 271 23.57 14.76 -3.83
C GLN B 271 23.96 16.06 -4.49
N LEU B 272 24.09 17.13 -3.69
CA LEU B 272 24.45 18.43 -4.23
C LEU B 272 25.75 18.35 -5.02
N ASN B 273 26.76 17.71 -4.43
CA ASN B 273 28.05 17.56 -5.09
C ASN B 273 27.98 16.74 -6.38
N ALA B 274 27.10 15.76 -6.40
CA ALA B 274 26.94 14.92 -7.57
C ALA B 274 26.29 15.69 -8.73
N MET B 275 25.54 16.74 -8.39
CA MET B 275 24.85 17.55 -9.39
C MET B 275 25.71 18.62 -10.06
N LYS B 276 26.77 19.04 -9.37
CA LYS B 276 27.67 20.08 -9.87
C LYS B 276 27.88 20.04 -11.39
N PRO B 277 28.28 18.89 -11.93
CA PRO B 277 28.49 18.83 -13.38
C PRO B 277 27.22 19.13 -14.16
N ASP B 278 26.11 18.49 -13.79
CA ASP B 278 24.83 18.70 -14.47
C ASP B 278 24.39 20.16 -14.40
N LEU B 279 24.57 20.79 -13.25
CA LEU B 279 24.19 22.19 -13.08
C LEU B 279 25.04 23.10 -13.97
N GLN B 280 26.35 22.89 -13.94
CA GLN B 280 27.24 23.70 -14.77
C GLN B 280 26.84 23.62 -16.23
N ARG B 281 26.54 22.41 -16.69
CA ARG B 281 26.14 22.16 -18.07
C ARG B 281 24.79 22.83 -18.38
N ALA B 282 23.78 22.50 -17.57
CA ALA B 282 22.44 23.04 -17.77
C ALA B 282 22.32 24.56 -17.70
N LEU B 283 23.14 25.18 -16.86
CA LEU B 283 23.07 26.63 -16.69
C LEU B 283 24.06 27.40 -17.55
N GLY B 284 24.94 26.68 -18.24
CA GLY B 284 25.93 27.33 -19.09
C GLY B 284 26.99 28.09 -18.32
N ALA B 285 27.48 27.50 -17.23
CA ALA B 285 28.50 28.15 -16.41
C ALA B 285 29.88 28.04 -17.03
N THR B 286 30.79 28.91 -16.60
CA THR B 286 32.16 28.96 -17.08
C THR B 286 33.14 28.93 -15.92
N PRO B 287 33.64 27.75 -15.55
CA PRO B 287 34.58 27.56 -14.43
C PRO B 287 36.01 28.11 -14.60
N ASN B 288 36.92 27.59 -13.77
CA ASN B 288 38.34 27.96 -13.74
C ASN B 288 38.66 29.31 -13.08
N VAL C 9 3.46 -25.51 -33.59
CA VAL C 9 2.58 -25.94 -32.47
C VAL C 9 3.00 -27.29 -31.94
N GLU C 10 3.54 -27.31 -30.72
CA GLU C 10 4.00 -28.55 -30.10
C GLU C 10 2.95 -29.15 -29.16
N TYR C 11 3.22 -30.36 -28.71
CA TYR C 11 2.33 -31.06 -27.79
C TYR C 11 3.24 -31.66 -26.71
N LEU C 12 4.11 -30.80 -26.18
CA LEU C 12 5.06 -31.19 -25.15
C LEU C 12 4.41 -31.66 -23.85
N GLN C 13 5.13 -32.51 -23.13
CA GLN C 13 4.65 -33.05 -21.87
C GLN C 13 5.44 -32.38 -20.77
N VAL C 14 4.76 -31.72 -19.84
CA VAL C 14 5.43 -31.04 -18.75
C VAL C 14 5.28 -31.79 -17.43
N PRO C 15 6.39 -32.12 -16.79
CA PRO C 15 6.39 -32.84 -15.52
C PRO C 15 5.86 -32.01 -14.35
N SER C 16 4.91 -32.58 -13.61
CA SER C 16 4.32 -31.90 -12.46
C SER C 16 4.54 -32.69 -11.16
N PRO C 17 5.67 -32.43 -10.47
CA PRO C 17 5.96 -33.13 -9.21
C PRO C 17 4.80 -33.04 -8.23
N SER C 18 4.15 -31.88 -8.18
CA SER C 18 3.03 -31.68 -7.28
C SER C 18 1.87 -32.65 -7.57
N MET C 19 1.57 -32.86 -8.86
CA MET C 19 0.48 -33.76 -9.24
C MET C 19 0.95 -35.19 -9.54
N GLY C 20 2.24 -35.43 -9.38
CA GLY C 20 2.80 -36.75 -9.61
C GLY C 20 2.51 -37.39 -10.96
N ARG C 21 2.54 -36.59 -12.01
CA ARG C 21 2.29 -37.08 -13.37
C ARG C 21 2.60 -35.95 -14.35
N ASP C 22 2.77 -36.30 -15.61
CA ASP C 22 3.06 -35.30 -16.63
C ASP C 22 1.78 -34.68 -17.14
N ILE C 23 1.86 -33.41 -17.50
CA ILE C 23 0.69 -32.68 -17.96
C ILE C 23 0.83 -32.34 -19.45
N LYS C 24 -0.23 -32.63 -20.21
CA LYS C 24 -0.24 -32.34 -21.64
C LYS C 24 -0.31 -30.83 -21.78
N VAL C 25 0.49 -30.28 -22.68
CA VAL C 25 0.49 -28.83 -22.90
C VAL C 25 0.78 -28.46 -24.35
N GLN C 26 -0.23 -27.91 -25.03
CA GLN C 26 -0.04 -27.48 -26.41
C GLN C 26 0.72 -26.16 -26.36
N PHE C 27 1.88 -26.10 -26.99
CA PHE C 27 2.72 -24.90 -26.96
C PHE C 27 2.96 -24.29 -28.35
N GLN C 28 3.29 -23.00 -28.37
CA GLN C 28 3.59 -22.30 -29.61
C GLN C 28 4.44 -21.07 -29.34
N SER C 29 5.75 -21.29 -29.20
CA SER C 29 6.68 -20.21 -28.93
C SER C 29 6.39 -18.94 -29.73
N GLY C 30 6.76 -17.80 -29.18
CA GLY C 30 6.54 -16.52 -29.84
C GLY C 30 7.88 -15.81 -29.95
N GLY C 31 8.93 -16.55 -29.58
CA GLY C 31 10.27 -16.00 -29.64
C GLY C 31 11.02 -16.30 -28.36
N ALA C 32 12.22 -15.71 -28.23
CA ALA C 32 13.04 -15.88 -27.05
C ALA C 32 12.64 -14.82 -26.02
N ASN C 33 12.47 -15.25 -24.77
CA ASN C 33 12.07 -14.33 -23.70
C ASN C 33 10.91 -13.44 -24.12
N SER C 34 9.89 -14.06 -24.71
CA SER C 34 8.71 -13.34 -25.13
C SER C 34 7.63 -13.62 -24.09
N PRO C 35 6.74 -12.65 -23.86
CA PRO C 35 5.67 -12.81 -22.88
C PRO C 35 4.82 -14.05 -23.16
N ALA C 36 4.37 -14.73 -22.11
CA ALA C 36 3.56 -15.93 -22.25
C ALA C 36 2.06 -15.62 -22.16
N LEU C 37 1.27 -16.35 -22.95
CA LEU C 37 -0.18 -16.19 -22.95
C LEU C 37 -0.86 -17.53 -22.61
N TYR C 38 -1.29 -17.66 -21.36
CA TYR C 38 -1.95 -18.87 -20.87
C TYR C 38 -3.45 -18.87 -21.15
N LEU C 39 -3.92 -19.92 -21.83
CA LEU C 39 -5.35 -20.05 -22.13
C LEU C 39 -5.91 -21.24 -21.33
N LEU C 40 -6.87 -20.97 -20.46
CA LEU C 40 -7.47 -22.03 -19.64
C LEU C 40 -8.77 -22.55 -20.23
N ASP C 41 -8.96 -23.87 -20.12
CA ASP C 41 -10.14 -24.54 -20.66
C ASP C 41 -11.37 -24.33 -19.76
N GLY C 42 -12.54 -24.65 -20.30
CA GLY C 42 -13.78 -24.51 -19.56
C GLY C 42 -14.11 -25.68 -18.66
N LEU C 43 -15.30 -25.65 -18.07
CA LEU C 43 -15.76 -26.69 -17.15
C LEU C 43 -15.43 -28.12 -17.54
N ARG C 44 -15.72 -28.47 -18.79
CA ARG C 44 -15.46 -29.81 -19.29
C ARG C 44 -14.20 -29.81 -20.14
N ALA C 45 -13.06 -30.01 -19.50
CA ALA C 45 -11.78 -30.03 -20.21
C ALA C 45 -11.37 -31.47 -20.48
N GLN C 46 -11.14 -31.76 -21.75
CA GLN C 46 -10.72 -33.09 -22.17
C GLN C 46 -9.23 -33.27 -21.94
N ASP C 47 -8.81 -34.50 -21.64
CA ASP C 47 -7.40 -34.81 -21.42
C ASP C 47 -6.80 -34.99 -22.81
N ASP C 48 -7.66 -34.81 -23.79
CA ASP C 48 -7.35 -34.94 -25.20
C ASP C 48 -6.63 -33.69 -25.70
N PHE C 49 -7.42 -32.66 -26.01
CA PHE C 49 -6.89 -31.39 -26.49
C PHE C 49 -7.59 -30.23 -25.78
N SER C 50 -6.98 -29.05 -25.81
CA SER C 50 -7.55 -27.87 -25.19
C SER C 50 -8.71 -27.36 -26.06
N GLY C 51 -9.81 -26.99 -25.41
CA GLY C 51 -10.96 -26.49 -26.13
C GLY C 51 -10.66 -25.20 -26.88
N TRP C 52 -9.52 -24.59 -26.60
CA TRP C 52 -9.12 -23.36 -27.30
C TRP C 52 -8.54 -23.68 -28.67
N ASP C 53 -8.24 -24.96 -28.88
CA ASP C 53 -7.69 -25.42 -30.14
C ASP C 53 -8.79 -26.22 -30.84
N ILE C 54 -9.53 -26.98 -30.04
CA ILE C 54 -10.64 -27.80 -30.51
C ILE C 54 -11.78 -26.95 -31.06
N ASN C 55 -11.84 -25.69 -30.67
CA ASN C 55 -12.93 -24.82 -31.12
C ASN C 55 -12.53 -23.52 -31.75
N THR C 56 -11.26 -23.14 -31.66
CA THR C 56 -10.84 -21.88 -32.25
C THR C 56 -9.47 -21.93 -32.92
N PRO C 57 -9.23 -21.00 -33.86
CA PRO C 57 -7.97 -20.91 -34.57
C PRO C 57 -7.00 -20.06 -33.76
N ALA C 58 -7.00 -20.29 -32.45
CA ALA C 58 -6.15 -19.56 -31.54
C ALA C 58 -4.71 -19.51 -32.02
N PHE C 59 -4.07 -20.67 -32.04
CA PHE C 59 -2.68 -20.77 -32.47
C PHE C 59 -2.40 -20.00 -33.75
N GLU C 60 -3.35 -20.03 -34.69
CA GLU C 60 -3.18 -19.32 -35.95
C GLU C 60 -3.19 -17.81 -35.74
N TRP C 61 -4.25 -17.31 -35.11
CA TRP C 61 -4.37 -15.88 -34.84
C TRP C 61 -3.13 -15.30 -34.17
N TYR C 62 -2.58 -16.04 -33.21
CA TYR C 62 -1.39 -15.57 -32.50
C TYR C 62 -0.08 -16.12 -33.05
N ASP C 63 -0.07 -16.35 -34.35
CA ASP C 63 1.14 -16.87 -35.00
C ASP C 63 2.13 -15.75 -35.24
N GLN C 64 3.34 -15.93 -34.72
CA GLN C 64 4.41 -14.93 -34.84
C GLN C 64 3.90 -13.58 -34.34
N SER C 65 2.99 -13.63 -33.37
CA SER C 65 2.40 -12.43 -32.77
C SER C 65 3.30 -11.84 -31.69
N GLY C 66 4.37 -12.55 -31.35
CA GLY C 66 5.28 -12.08 -30.33
C GLY C 66 4.97 -12.68 -28.97
N LEU C 67 3.88 -13.44 -28.91
CA LEU C 67 3.45 -14.08 -27.68
C LEU C 67 3.47 -15.61 -27.78
N SER C 68 3.98 -16.25 -26.73
CA SER C 68 4.04 -17.71 -26.68
C SER C 68 2.72 -18.23 -26.12
N VAL C 69 1.92 -18.89 -26.95
CA VAL C 69 0.65 -19.42 -26.48
C VAL C 69 0.84 -20.73 -25.72
N VAL C 70 0.24 -20.79 -24.53
CA VAL C 70 0.32 -21.96 -23.65
C VAL C 70 -1.08 -22.49 -23.39
N MET C 71 -1.34 -23.74 -23.77
CA MET C 71 -2.65 -24.34 -23.57
C MET C 71 -2.58 -25.61 -22.73
N PRO C 72 -2.93 -25.52 -21.44
CA PRO C 72 -2.89 -26.72 -20.60
C PRO C 72 -3.99 -27.66 -21.06
N VAL C 73 -3.74 -28.96 -20.92
CA VAL C 73 -4.72 -29.97 -21.33
C VAL C 73 -5.27 -30.74 -20.13
N GLY C 74 -6.58 -30.90 -20.08
CA GLY C 74 -7.20 -31.63 -18.99
C GLY C 74 -7.54 -30.85 -17.74
N GLY C 75 -7.99 -31.56 -16.71
CA GLY C 75 -8.35 -30.92 -15.47
C GLY C 75 -9.81 -30.48 -15.43
N GLN C 76 -10.70 -31.38 -15.80
CA GLN C 76 -12.13 -31.08 -15.81
C GLN C 76 -12.55 -30.79 -14.37
N SER C 77 -13.42 -29.79 -14.20
CA SER C 77 -13.93 -29.40 -12.89
C SER C 77 -12.82 -29.11 -11.87
N SER C 78 -11.65 -28.76 -12.35
CA SER C 78 -10.53 -28.47 -11.46
C SER C 78 -10.50 -27.01 -11.02
N PHE C 79 -11.12 -26.15 -11.82
CA PHE C 79 -11.14 -24.72 -11.56
C PHE C 79 -9.71 -24.23 -11.48
N TYR C 80 -8.81 -25.03 -12.03
CA TYR C 80 -7.40 -24.72 -12.05
C TYR C 80 -6.83 -24.32 -10.70
N SER C 81 -7.21 -25.04 -9.64
CA SER C 81 -6.67 -24.72 -8.32
C SER C 81 -6.13 -25.95 -7.62
N ASP C 82 -5.49 -25.73 -6.47
CA ASP C 82 -4.94 -26.82 -5.66
C ASP C 82 -6.06 -27.35 -4.78
N TRP C 83 -6.40 -28.63 -4.94
CA TRP C 83 -7.47 -29.27 -4.17
C TRP C 83 -7.05 -29.76 -2.80
N TYR C 84 -8.00 -29.76 -1.86
CA TYR C 84 -7.74 -30.23 -0.52
C TYR C 84 -7.57 -31.74 -0.55
N GLN C 85 -8.56 -32.41 -1.13
CA GLN C 85 -8.57 -33.87 -1.25
C GLN C 85 -8.25 -34.26 -2.70
N PRO C 86 -8.09 -35.56 -2.96
CA PRO C 86 -7.80 -35.99 -4.33
C PRO C 86 -9.06 -35.79 -5.18
N ALA C 87 -8.87 -35.38 -6.43
CA ALA C 87 -9.99 -35.13 -7.33
C ALA C 87 -10.61 -36.42 -7.85
N CYS C 88 -11.57 -36.96 -7.10
CA CYS C 88 -12.24 -38.19 -7.49
C CYS C 88 -13.50 -37.94 -8.29
N GLY C 89 -13.75 -38.80 -9.27
CA GLY C 89 -14.93 -38.69 -10.10
C GLY C 89 -15.28 -40.05 -10.68
N LYS C 90 -16.16 -40.07 -11.67
CA LYS C 90 -16.56 -41.33 -12.30
C LYS C 90 -15.31 -42.08 -12.78
N ALA C 91 -14.49 -41.41 -13.57
CA ALA C 91 -13.26 -42.00 -14.11
C ALA C 91 -12.30 -42.47 -13.03
N GLY C 92 -12.45 -41.94 -11.82
CA GLY C 92 -11.56 -42.32 -10.74
C GLY C 92 -10.99 -41.10 -10.07
N CYS C 93 -9.87 -41.28 -9.36
CA CYS C 93 -9.24 -40.17 -8.66
C CYS C 93 -7.91 -39.78 -9.28
N GLN C 94 -7.46 -38.57 -8.93
CA GLN C 94 -6.20 -38.01 -9.41
C GLN C 94 -5.93 -36.74 -8.60
N THR C 95 -4.66 -36.39 -8.42
CA THR C 95 -4.33 -35.19 -7.66
C THR C 95 -4.39 -33.90 -8.48
N TYR C 96 -5.08 -32.90 -7.94
CA TYR C 96 -5.19 -31.61 -8.61
C TYR C 96 -4.41 -30.54 -7.85
N LYS C 97 -3.32 -30.07 -8.45
CA LYS C 97 -2.50 -29.02 -7.86
C LYS C 97 -2.22 -28.05 -9.00
N TRP C 98 -3.26 -27.73 -9.75
CA TRP C 98 -3.13 -26.86 -10.90
C TRP C 98 -2.53 -25.48 -10.66
N GLU C 99 -2.85 -24.86 -9.53
CA GLU C 99 -2.29 -23.54 -9.28
C GLU C 99 -0.79 -23.68 -9.10
N THR C 100 -0.37 -24.72 -8.38
CA THR C 100 1.04 -24.99 -8.14
C THR C 100 1.74 -25.21 -9.47
N PHE C 101 1.10 -26.00 -10.33
CA PHE C 101 1.62 -26.31 -11.64
C PHE C 101 1.73 -25.06 -12.50
N LEU C 102 0.62 -24.34 -12.63
CA LEU C 102 0.55 -23.12 -13.44
C LEU C 102 1.42 -21.95 -12.99
N THR C 103 1.74 -21.87 -11.70
CA THR C 103 2.54 -20.76 -11.19
C THR C 103 3.93 -21.12 -10.72
N SER C 104 4.31 -22.39 -10.87
CA SER C 104 5.64 -22.82 -10.43
C SER C 104 6.29 -23.72 -11.47
N GLU C 105 5.73 -24.92 -11.62
CA GLU C 105 6.25 -25.92 -12.56
C GLU C 105 6.20 -25.52 -14.04
N LEU C 106 5.00 -25.31 -14.58
CA LEU C 106 4.86 -24.94 -15.98
C LEU C 106 5.77 -23.78 -16.39
N PRO C 107 5.68 -22.62 -15.70
CA PRO C 107 6.51 -21.46 -16.04
C PRO C 107 8.02 -21.70 -15.93
N GLY C 108 8.42 -22.48 -14.92
CA GLY C 108 9.83 -22.77 -14.74
C GLY C 108 10.32 -23.66 -15.85
N TRP C 109 9.44 -24.50 -16.36
CA TRP C 109 9.78 -25.41 -17.44
C TRP C 109 9.85 -24.65 -18.75
N LEU C 110 8.77 -23.94 -19.09
CA LEU C 110 8.73 -23.17 -20.33
C LEU C 110 9.84 -22.14 -20.44
N GLN C 111 10.59 -21.93 -19.36
CA GLN C 111 11.67 -20.96 -19.39
C GLN C 111 13.00 -21.66 -19.68
N ALA C 112 13.32 -22.67 -18.90
CA ALA C 112 14.54 -23.42 -19.07
C ALA C 112 14.53 -24.28 -20.33
N ASN C 113 13.34 -24.60 -20.83
CA ASN C 113 13.20 -25.45 -22.02
C ASN C 113 12.70 -24.77 -23.30
N ARG C 114 12.07 -23.60 -23.17
CA ARG C 114 11.58 -22.90 -24.35
C ARG C 114 11.87 -21.42 -24.26
N HIS C 115 12.72 -21.05 -23.31
CA HIS C 115 13.10 -19.66 -23.11
C HIS C 115 11.90 -18.73 -23.12
N VAL C 116 10.88 -19.07 -22.33
CA VAL C 116 9.69 -18.24 -22.25
C VAL C 116 9.73 -17.34 -21.03
N LYS C 117 9.31 -16.08 -21.22
CA LYS C 117 9.27 -15.09 -20.14
C LYS C 117 8.45 -15.64 -18.97
N PRO C 118 9.12 -16.00 -17.87
CA PRO C 118 8.43 -16.54 -16.68
C PRO C 118 7.51 -15.54 -15.99
N THR C 119 7.70 -14.26 -16.30
CA THR C 119 6.89 -13.20 -15.72
C THR C 119 6.30 -12.31 -16.81
N GLY C 120 5.46 -11.37 -16.39
CA GLY C 120 4.84 -10.46 -17.34
C GLY C 120 3.95 -11.20 -18.32
N SER C 121 3.32 -12.27 -17.85
CA SER C 121 2.43 -13.09 -18.69
C SER C 121 0.99 -12.61 -18.63
N ALA C 122 0.11 -13.35 -19.29
CA ALA C 122 -1.32 -13.05 -19.32
C ALA C 122 -2.10 -14.35 -19.20
N VAL C 123 -3.25 -14.31 -18.54
CA VAL C 123 -4.08 -15.50 -18.39
C VAL C 123 -5.51 -15.19 -18.74
N VAL C 124 -6.04 -15.94 -19.69
CA VAL C 124 -7.41 -15.76 -20.12
C VAL C 124 -8.11 -17.09 -19.92
N GLY C 125 -9.33 -17.02 -19.39
CA GLY C 125 -10.11 -18.24 -19.14
C GLY C 125 -11.57 -17.98 -19.45
N LEU C 126 -12.31 -19.04 -19.75
CA LEU C 126 -13.74 -18.92 -20.04
C LEU C 126 -14.49 -19.86 -19.12
N SER C 127 -15.77 -19.56 -18.90
CA SER C 127 -16.62 -20.36 -18.03
C SER C 127 -15.88 -20.70 -16.72
N MET C 128 -15.79 -21.98 -16.38
CA MET C 128 -15.10 -22.42 -15.17
C MET C 128 -13.80 -21.66 -14.89
N ALA C 129 -12.95 -21.57 -15.91
CA ALA C 129 -11.66 -20.92 -15.79
C ALA C 129 -11.70 -19.38 -15.79
N ALA C 130 -12.88 -18.81 -15.99
CA ALA C 130 -12.99 -17.35 -16.00
C ALA C 130 -12.54 -16.75 -14.66
N SER C 131 -13.15 -17.18 -13.56
CA SER C 131 -12.77 -16.66 -12.25
C SER C 131 -11.38 -17.13 -11.87
N SER C 132 -11.01 -18.31 -12.35
CA SER C 132 -9.69 -18.88 -12.08
C SER C 132 -8.56 -17.99 -12.58
N ALA C 133 -8.75 -17.40 -13.76
CA ALA C 133 -7.77 -16.53 -14.34
C ALA C 133 -7.59 -15.31 -13.44
N LEU C 134 -8.70 -14.69 -13.07
CA LEU C 134 -8.66 -13.52 -12.20
C LEU C 134 -7.92 -13.92 -10.93
N THR C 135 -8.36 -15.02 -10.32
CA THR C 135 -7.72 -15.49 -9.09
C THR C 135 -6.20 -15.63 -9.26
N LEU C 136 -5.75 -16.18 -10.38
CA LEU C 136 -4.33 -16.37 -10.61
C LEU C 136 -3.56 -15.05 -10.63
N ALA C 137 -4.16 -14.01 -11.22
CA ALA C 137 -3.52 -12.71 -11.27
C ALA C 137 -3.52 -12.06 -9.89
N ILE C 138 -4.55 -12.37 -9.12
CA ILE C 138 -4.72 -11.83 -7.78
C ILE C 138 -3.64 -12.28 -6.81
N TYR C 139 -3.26 -13.56 -6.88
CA TYR C 139 -2.25 -14.10 -5.97
C TYR C 139 -0.86 -14.24 -6.59
N HIS C 140 -0.76 -13.98 -7.88
CA HIS C 140 0.51 -14.09 -8.59
C HIS C 140 0.63 -12.91 -9.56
N PRO C 141 0.56 -11.67 -9.03
CA PRO C 141 0.66 -10.45 -9.85
C PRO C 141 1.96 -10.26 -10.61
N GLN C 142 3.08 -10.76 -10.08
CA GLN C 142 4.35 -10.64 -10.79
C GLN C 142 4.27 -11.46 -12.08
N GLN C 143 3.87 -12.72 -11.94
CA GLN C 143 3.75 -13.61 -13.09
C GLN C 143 2.65 -13.21 -14.07
N PHE C 144 1.46 -12.92 -13.55
CA PHE C 144 0.36 -12.52 -14.42
C PHE C 144 -0.04 -11.07 -14.23
N VAL C 145 0.27 -10.27 -15.25
CA VAL C 145 -0.02 -8.84 -15.23
C VAL C 145 -1.30 -8.56 -16.00
N TYR C 146 -1.76 -9.56 -16.72
CA TYR C 146 -2.98 -9.41 -17.52
C TYR C 146 -3.91 -10.59 -17.23
N ALA C 147 -5.21 -10.33 -17.09
CA ALA C 147 -6.15 -11.40 -16.81
C ALA C 147 -7.44 -11.25 -17.60
N GLY C 148 -7.81 -12.31 -18.31
CA GLY C 148 -9.03 -12.29 -19.10
C GLY C 148 -10.03 -13.27 -18.51
N ALA C 149 -11.29 -12.87 -18.45
CA ALA C 149 -12.33 -13.71 -17.90
C ALA C 149 -13.55 -13.62 -18.79
N MET C 150 -13.92 -14.75 -19.37
CA MET C 150 -15.06 -14.81 -20.28
C MET C 150 -16.20 -15.64 -19.74
N SER C 151 -17.34 -14.99 -19.57
CA SER C 151 -18.57 -15.62 -19.08
C SER C 151 -18.44 -16.49 -17.83
N GLY C 152 -17.81 -15.98 -16.78
CA GLY C 152 -17.66 -16.77 -15.57
C GLY C 152 -18.47 -16.32 -14.37
N LEU C 153 -18.47 -17.14 -13.32
CA LEU C 153 -19.16 -16.83 -12.05
C LEU C 153 -18.09 -16.09 -11.27
N LEU C 154 -18.18 -14.77 -11.17
CA LEU C 154 -17.15 -14.00 -10.48
C LEU C 154 -17.26 -13.91 -8.95
N ASP C 155 -18.34 -14.45 -8.39
CA ASP C 155 -18.55 -14.43 -6.94
C ASP C 155 -18.95 -15.84 -6.52
N PRO C 156 -18.12 -16.84 -6.87
CA PRO C 156 -18.37 -18.25 -6.56
C PRO C 156 -18.72 -18.59 -5.12
N SER C 157 -18.25 -17.80 -4.16
CA SER C 157 -18.53 -18.10 -2.76
C SER C 157 -19.80 -17.46 -2.25
N GLN C 158 -20.46 -16.66 -3.09
CA GLN C 158 -21.66 -15.96 -2.68
C GLN C 158 -22.98 -16.50 -3.23
N ALA C 159 -24.05 -16.23 -2.50
CA ALA C 159 -25.40 -16.64 -2.88
C ALA C 159 -25.51 -18.10 -3.32
N MET C 160 -26.16 -18.30 -4.46
CA MET C 160 -26.36 -19.64 -5.01
C MET C 160 -25.09 -20.09 -5.77
N GLY C 161 -23.98 -19.42 -5.48
CA GLY C 161 -22.73 -19.73 -6.14
C GLY C 161 -22.16 -21.10 -5.82
N PRO C 162 -21.85 -21.39 -4.55
CA PRO C 162 -21.30 -22.71 -4.24
C PRO C 162 -22.27 -23.82 -4.60
N THR C 163 -23.56 -23.48 -4.73
CA THR C 163 -24.57 -24.46 -5.10
C THR C 163 -24.34 -24.84 -6.57
N LEU C 164 -24.16 -23.83 -7.41
CA LEU C 164 -23.91 -24.04 -8.84
C LEU C 164 -22.59 -24.79 -9.08
N ILE C 165 -21.52 -24.33 -8.45
CA ILE C 165 -20.22 -24.97 -8.62
C ILE C 165 -20.36 -26.46 -8.31
N GLY C 166 -21.16 -26.77 -7.28
CA GLY C 166 -21.37 -28.16 -6.90
C GLY C 166 -22.08 -28.93 -8.00
N LEU C 167 -23.16 -28.36 -8.51
CA LEU C 167 -23.92 -29.01 -9.58
C LEU C 167 -23.05 -29.24 -10.81
N ALA C 168 -22.44 -28.16 -11.29
CA ALA C 168 -21.58 -28.24 -12.46
C ALA C 168 -20.51 -29.32 -12.32
N MET C 169 -19.82 -29.31 -11.17
CA MET C 169 -18.76 -30.29 -10.94
C MET C 169 -19.25 -31.72 -10.93
N GLY C 170 -20.47 -31.92 -10.43
CA GLY C 170 -21.04 -33.26 -10.37
C GLY C 170 -21.43 -33.76 -11.74
N ASP C 171 -21.94 -32.85 -12.57
CA ASP C 171 -22.38 -33.21 -13.92
C ASP C 171 -21.25 -33.14 -14.95
N ALA C 172 -20.06 -32.73 -14.49
CA ALA C 172 -18.92 -32.63 -15.39
C ALA C 172 -17.77 -33.49 -14.84
N GLY C 173 -18.00 -34.80 -14.82
CA GLY C 173 -17.00 -35.73 -14.33
C GLY C 173 -17.39 -36.36 -13.01
N GLY C 174 -18.53 -35.93 -12.46
CA GLY C 174 -18.99 -36.47 -11.20
C GLY C 174 -18.08 -36.11 -10.03
N TYR C 175 -17.54 -34.90 -10.06
CA TYR C 175 -16.65 -34.46 -8.99
C TYR C 175 -17.41 -33.78 -7.84
N LYS C 176 -16.84 -33.89 -6.65
CA LYS C 176 -17.45 -33.31 -5.44
C LYS C 176 -16.79 -31.99 -5.10
N ALA C 177 -17.58 -30.91 -5.13
CA ALA C 177 -17.09 -29.57 -4.82
C ALA C 177 -16.37 -29.49 -3.47
N SER C 178 -16.85 -30.24 -2.47
CA SER C 178 -16.23 -30.22 -1.14
C SER C 178 -14.81 -30.78 -1.10
N ASP C 179 -14.40 -31.49 -2.15
CA ASP C 179 -13.05 -32.04 -2.19
C ASP C 179 -12.07 -30.97 -2.66
N MET C 180 -12.61 -29.99 -3.39
CA MET C 180 -11.82 -28.89 -3.93
C MET C 180 -11.56 -27.79 -2.89
N TRP C 181 -12.60 -27.05 -2.52
CA TRP C 181 -12.44 -25.98 -1.54
C TRP C 181 -13.14 -26.24 -0.20
N GLY C 182 -13.40 -27.50 0.10
CA GLY C 182 -14.05 -27.86 1.34
C GLY C 182 -15.49 -27.38 1.47
N PRO C 183 -16.04 -27.44 2.69
CA PRO C 183 -17.41 -27.01 2.99
C PRO C 183 -17.66 -25.55 2.62
N LYS C 184 -18.92 -25.23 2.34
CA LYS C 184 -19.34 -23.89 1.95
C LYS C 184 -18.70 -22.78 2.77
N GLU C 185 -18.54 -22.99 4.08
CA GLU C 185 -17.98 -21.98 4.97
C GLU C 185 -16.47 -22.08 5.24
N ASP C 186 -15.77 -22.82 4.40
CA ASP C 186 -14.32 -22.98 4.53
C ASP C 186 -13.66 -21.75 3.87
N PRO C 187 -12.59 -21.23 4.49
CA PRO C 187 -11.89 -20.05 3.93
C PRO C 187 -11.52 -20.14 2.46
N ALA C 188 -11.24 -21.36 1.97
CA ALA C 188 -10.85 -21.54 0.58
C ALA C 188 -11.84 -20.94 -0.41
N TRP C 189 -13.12 -20.87 -0.04
CA TRP C 189 -14.11 -20.32 -0.94
C TRP C 189 -13.92 -18.83 -1.22
N GLN C 190 -13.84 -18.02 -0.17
CA GLN C 190 -13.66 -16.59 -0.37
C GLN C 190 -12.28 -16.27 -0.91
N ARG C 191 -11.35 -17.19 -0.66
CA ARG C 191 -10.00 -17.03 -1.15
C ARG C 191 -10.03 -16.99 -2.67
N ASN C 192 -10.81 -17.89 -3.26
CA ASN C 192 -10.92 -17.99 -4.71
C ASN C 192 -12.13 -17.25 -5.28
N ASP C 193 -12.59 -16.22 -4.59
CA ASP C 193 -13.73 -15.44 -5.07
C ASP C 193 -13.21 -14.10 -5.58
N PRO C 194 -13.08 -13.95 -6.91
CA PRO C 194 -12.57 -12.69 -7.47
C PRO C 194 -13.27 -11.42 -6.97
N LEU C 195 -14.60 -11.46 -6.91
CA LEU C 195 -15.36 -10.30 -6.46
C LEU C 195 -14.86 -9.84 -5.09
N LEU C 196 -14.68 -10.79 -4.16
CA LEU C 196 -14.22 -10.46 -2.82
C LEU C 196 -12.74 -10.11 -2.74
N ASN C 197 -12.04 -10.21 -3.87
CA ASN C 197 -10.61 -9.90 -3.90
C ASN C 197 -10.27 -8.83 -4.92
N VAL C 198 -11.29 -8.22 -5.51
CA VAL C 198 -11.07 -7.20 -6.53
C VAL C 198 -10.10 -6.11 -6.08
N GLY C 199 -10.06 -5.88 -4.76
CA GLY C 199 -9.18 -4.86 -4.23
C GLY C 199 -7.73 -5.10 -4.58
N LYS C 200 -7.36 -6.36 -4.74
CA LYS C 200 -6.00 -6.73 -5.08
C LYS C 200 -5.72 -6.45 -6.55
N LEU C 201 -6.69 -6.74 -7.41
CA LEU C 201 -6.51 -6.48 -8.83
C LEU C 201 -6.31 -4.98 -9.03
N ILE C 202 -7.08 -4.20 -8.28
CA ILE C 202 -6.97 -2.75 -8.35
C ILE C 202 -5.63 -2.27 -7.81
N ALA C 203 -5.21 -2.82 -6.67
CA ALA C 203 -3.93 -2.44 -6.06
C ALA C 203 -2.71 -2.82 -6.89
N ASN C 204 -2.73 -4.00 -7.50
CA ASN C 204 -1.60 -4.45 -8.31
C ASN C 204 -1.71 -3.91 -9.73
N ASN C 205 -2.72 -3.07 -9.95
CA ASN C 205 -2.98 -2.47 -11.26
C ASN C 205 -2.89 -3.51 -12.38
N THR C 206 -3.50 -4.66 -12.13
CA THR C 206 -3.51 -5.74 -13.09
C THR C 206 -4.43 -5.35 -14.24
N ARG C 207 -4.01 -5.65 -15.47
CA ARG C 207 -4.82 -5.34 -16.64
C ARG C 207 -5.89 -6.41 -16.68
N VAL C 208 -7.15 -5.97 -16.66
CA VAL C 208 -8.27 -6.89 -16.64
C VAL C 208 -9.20 -6.75 -17.83
N TRP C 209 -9.56 -7.88 -18.42
CA TRP C 209 -10.47 -7.93 -19.57
C TRP C 209 -11.61 -8.88 -19.19
N VAL C 210 -12.81 -8.35 -19.08
CA VAL C 210 -13.97 -9.13 -18.68
C VAL C 210 -15.09 -9.07 -19.71
N TYR C 211 -15.55 -10.25 -20.14
CA TYR C 211 -16.63 -10.36 -21.12
C TYR C 211 -17.74 -11.29 -20.65
N CYS C 212 -18.96 -10.98 -21.07
CA CYS C 212 -20.12 -11.80 -20.75
C CYS C 212 -21.31 -11.39 -21.62
N GLY C 213 -21.95 -12.39 -22.21
CA GLY C 213 -23.10 -12.13 -23.06
C GLY C 213 -24.34 -11.89 -22.23
N ASN C 214 -25.47 -11.67 -22.89
CA ASN C 214 -26.72 -11.43 -22.17
C ASN C 214 -27.70 -12.59 -22.33
N GLY C 215 -27.21 -13.72 -22.85
CA GLY C 215 -28.05 -14.88 -23.03
C GLY C 215 -28.75 -15.02 -24.37
N LYS C 216 -28.97 -13.90 -25.04
CA LYS C 216 -29.65 -13.91 -26.33
C LYS C 216 -28.65 -14.12 -27.48
N PRO C 217 -28.76 -15.28 -28.17
CA PRO C 217 -27.87 -15.62 -29.29
C PRO C 217 -27.99 -14.69 -30.49
N SER C 218 -26.98 -14.75 -31.37
CA SER C 218 -26.95 -13.94 -32.56
C SER C 218 -26.59 -14.80 -33.78
N ASP C 219 -25.92 -14.17 -34.74
CA ASP C 219 -25.50 -14.87 -35.95
C ASP C 219 -24.41 -15.89 -35.64
N LEU C 220 -23.53 -15.54 -34.72
CA LEU C 220 -22.43 -16.43 -34.34
C LEU C 220 -22.89 -17.84 -33.96
N GLY C 221 -24.11 -17.96 -33.44
CA GLY C 221 -24.62 -19.26 -33.08
C GLY C 221 -24.82 -19.56 -31.60
N GLY C 222 -24.75 -20.84 -31.27
CA GLY C 222 -24.94 -21.26 -29.90
C GLY C 222 -26.34 -20.92 -29.42
N ASN C 223 -27.36 -21.40 -30.12
CA ASN C 223 -28.74 -21.12 -29.74
C ASN C 223 -29.44 -22.32 -29.13
N ASN C 224 -29.26 -22.49 -27.82
CA ASN C 224 -29.89 -23.57 -27.09
C ASN C 224 -30.19 -23.06 -25.68
N LEU C 225 -31.19 -23.64 -25.03
CA LEU C 225 -31.57 -23.22 -23.70
C LEU C 225 -30.38 -23.15 -22.73
N PRO C 226 -29.63 -24.26 -22.61
CA PRO C 226 -28.48 -24.27 -21.69
C PRO C 226 -27.55 -23.06 -21.86
N ALA C 227 -27.10 -22.80 -23.08
CA ALA C 227 -26.20 -21.69 -23.35
C ALA C 227 -26.87 -20.35 -23.08
N LYS C 228 -28.12 -20.21 -23.48
CA LYS C 228 -28.87 -18.97 -23.28
C LYS C 228 -29.07 -18.66 -21.80
N PHE C 229 -29.62 -19.63 -21.07
CA PHE C 229 -29.87 -19.46 -19.64
C PHE C 229 -28.58 -19.17 -18.87
N LEU C 230 -27.73 -20.20 -18.80
CA LEU C 230 -26.47 -20.12 -18.09
C LEU C 230 -25.76 -18.77 -18.27
N GLU C 231 -25.63 -18.35 -19.52
CA GLU C 231 -24.98 -17.08 -19.81
C GLU C 231 -25.71 -15.92 -19.13
N GLY C 232 -27.01 -15.83 -19.37
CA GLY C 232 -27.82 -14.78 -18.79
C GLY C 232 -27.81 -14.81 -17.27
N PHE C 233 -27.63 -16.00 -16.70
CA PHE C 233 -27.59 -16.13 -15.25
C PHE C 233 -26.31 -15.52 -14.71
N VAL C 234 -25.18 -16.03 -15.19
CA VAL C 234 -23.86 -15.58 -14.77
C VAL C 234 -23.50 -14.14 -15.13
N ARG C 235 -24.33 -13.47 -15.92
CA ARG C 235 -24.07 -12.09 -16.32
C ARG C 235 -24.12 -11.16 -15.10
N THR C 236 -25.08 -11.41 -14.23
CA THR C 236 -25.26 -10.61 -13.04
C THR C 236 -23.97 -10.43 -12.25
N SER C 237 -23.29 -11.53 -11.93
CA SER C 237 -22.06 -11.44 -11.18
C SER C 237 -21.00 -10.64 -11.93
N ASN C 238 -20.99 -10.75 -13.25
CA ASN C 238 -20.01 -10.04 -14.06
C ASN C 238 -20.20 -8.53 -13.95
N ILE C 239 -21.45 -8.10 -13.89
CA ILE C 239 -21.76 -6.68 -13.77
C ILE C 239 -21.38 -6.22 -12.36
N LYS C 240 -21.65 -7.05 -11.37
CA LYS C 240 -21.32 -6.70 -9.98
C LYS C 240 -19.82 -6.50 -9.87
N PHE C 241 -19.07 -7.36 -10.53
CA PHE C 241 -17.62 -7.28 -10.51
C PHE C 241 -17.18 -5.96 -11.13
N GLN C 242 -17.81 -5.59 -12.23
CA GLN C 242 -17.46 -4.35 -12.91
C GLN C 242 -17.69 -3.15 -12.00
N ASP C 243 -18.88 -3.06 -11.42
CA ASP C 243 -19.19 -1.95 -10.53
C ASP C 243 -18.20 -1.91 -9.38
N ALA C 244 -17.93 -3.08 -8.80
CA ALA C 244 -16.99 -3.18 -7.70
C ALA C 244 -15.60 -2.70 -8.13
N TYR C 245 -15.19 -3.08 -9.33
CA TYR C 245 -13.88 -2.69 -9.86
C TYR C 245 -13.82 -1.17 -10.03
N ASN C 246 -14.86 -0.60 -10.63
CA ASN C 246 -14.90 0.84 -10.86
C ASN C 246 -15.00 1.61 -9.54
N ALA C 247 -15.91 1.15 -8.68
CA ALA C 247 -16.13 1.81 -7.39
C ALA C 247 -14.87 1.81 -6.55
N GLY C 248 -14.05 0.76 -6.71
CA GLY C 248 -12.81 0.66 -5.96
C GLY C 248 -11.66 1.41 -6.61
N GLY C 249 -11.99 2.36 -7.48
CA GLY C 249 -10.97 3.14 -8.15
C GLY C 249 -10.09 2.35 -9.10
N GLY C 250 -10.61 1.22 -9.57
CA GLY C 250 -9.86 0.41 -10.49
C GLY C 250 -9.79 1.03 -11.87
N HIS C 251 -8.58 1.26 -12.36
CA HIS C 251 -8.39 1.79 -13.71
C HIS C 251 -7.57 0.68 -14.36
N ASN C 252 -7.51 0.66 -15.69
CA ASN C 252 -6.76 -0.37 -16.40
C ASN C 252 -7.56 -1.66 -16.57
N GLY C 253 -8.83 -1.52 -16.91
CA GLY C 253 -9.68 -2.69 -17.11
C GLY C 253 -10.67 -2.48 -18.24
N VAL C 254 -11.00 -3.56 -18.96
CA VAL C 254 -11.94 -3.50 -20.06
C VAL C 254 -13.13 -4.41 -19.79
N PHE C 255 -14.32 -3.91 -20.09
CA PHE C 255 -15.54 -4.68 -19.87
C PHE C 255 -16.41 -4.70 -21.12
N ASP C 256 -16.73 -5.91 -21.58
CA ASP C 256 -17.55 -6.07 -22.77
C ASP C 256 -18.81 -6.86 -22.44
N PHE C 257 -19.93 -6.16 -22.36
CA PHE C 257 -21.21 -6.79 -22.05
C PHE C 257 -22.26 -6.42 -23.10
N PRO C 258 -22.15 -7.02 -24.29
CA PRO C 258 -23.08 -6.77 -25.41
C PRO C 258 -24.48 -7.34 -25.16
N ASP C 259 -25.43 -6.97 -26.02
CA ASP C 259 -26.80 -7.45 -25.90
C ASP C 259 -27.01 -8.75 -26.68
N SER C 260 -25.97 -9.57 -26.72
CA SER C 260 -26.02 -10.85 -27.42
C SER C 260 -24.93 -11.74 -26.83
N GLY C 261 -24.90 -12.99 -27.27
CA GLY C 261 -23.90 -13.92 -26.78
C GLY C 261 -24.49 -14.89 -25.78
N THR C 262 -24.09 -16.17 -25.90
CA THR C 262 -24.56 -17.21 -25.00
C THR C 262 -23.34 -17.96 -24.51
N HIS C 263 -23.56 -18.98 -23.69
CA HIS C 263 -22.45 -19.76 -23.15
C HIS C 263 -21.94 -20.76 -24.19
N SER C 264 -21.36 -20.22 -25.27
CA SER C 264 -20.85 -21.05 -26.36
C SER C 264 -19.50 -20.58 -26.88
N TRP C 265 -18.69 -21.54 -27.33
CA TRP C 265 -17.35 -21.28 -27.86
C TRP C 265 -17.23 -20.25 -28.97
N GLU C 266 -18.29 -20.07 -29.75
CA GLU C 266 -18.24 -19.11 -30.85
C GLU C 266 -17.86 -17.73 -30.32
N TYR C 267 -18.56 -17.29 -29.28
CA TYR C 267 -18.34 -16.00 -28.66
C TYR C 267 -16.98 -15.87 -27.98
N TRP C 268 -16.53 -16.92 -27.29
CA TRP C 268 -15.24 -16.88 -26.61
C TRP C 268 -14.09 -16.74 -27.61
N GLY C 269 -14.22 -17.41 -28.74
CA GLY C 269 -13.20 -17.34 -29.77
C GLY C 269 -13.10 -15.93 -30.33
N ALA C 270 -14.25 -15.36 -30.71
CA ALA C 270 -14.27 -14.01 -31.25
C ALA C 270 -13.50 -13.10 -30.30
N GLN C 271 -13.88 -13.12 -29.03
CA GLN C 271 -13.24 -12.30 -28.01
C GLN C 271 -11.72 -12.42 -28.03
N LEU C 272 -11.21 -13.65 -27.89
CA LEU C 272 -9.77 -13.87 -27.87
C LEU C 272 -9.12 -13.19 -29.05
N ASN C 273 -9.84 -13.18 -30.17
CA ASN C 273 -9.34 -12.56 -31.38
C ASN C 273 -9.26 -11.05 -31.16
N ALA C 274 -10.40 -10.47 -30.79
CA ALA C 274 -10.50 -9.04 -30.55
C ALA C 274 -9.50 -8.45 -29.57
N MET C 275 -9.01 -9.26 -28.64
CA MET C 275 -8.05 -8.76 -27.65
C MET C 275 -6.58 -9.02 -27.96
N LYS C 276 -6.28 -9.37 -29.20
CA LYS C 276 -4.90 -9.63 -29.58
C LYS C 276 -4.05 -8.36 -29.49
N PRO C 277 -4.47 -7.29 -30.17
CA PRO C 277 -3.69 -6.05 -30.13
C PRO C 277 -3.50 -5.53 -28.71
N ASP C 278 -4.54 -5.64 -27.89
CA ASP C 278 -4.49 -5.19 -26.50
C ASP C 278 -3.48 -5.99 -25.71
N LEU C 279 -3.50 -7.32 -25.87
CA LEU C 279 -2.57 -8.19 -25.17
C LEU C 279 -1.12 -7.89 -25.54
N GLN C 280 -0.88 -7.63 -26.83
CA GLN C 280 0.46 -7.33 -27.30
C GLN C 280 0.95 -5.99 -26.75
N ARG C 281 0.06 -4.99 -26.77
CA ARG C 281 0.37 -3.66 -26.27
C ARG C 281 0.65 -3.68 -24.76
N ALA C 282 -0.06 -4.56 -24.04
CA ALA C 282 0.10 -4.67 -22.60
C ALA C 282 1.31 -5.52 -22.22
N LEU C 283 1.72 -6.40 -23.12
CA LEU C 283 2.87 -7.26 -22.87
C LEU C 283 4.11 -6.84 -23.67
N GLY C 284 4.05 -6.93 -25.00
CA GLY C 284 5.19 -6.53 -25.83
C GLY C 284 5.63 -7.47 -26.93
N ALA C 285 6.89 -7.31 -27.35
CA ALA C 285 7.52 -8.12 -28.41
C ALA C 285 6.98 -7.80 -29.81
N THR C 286 7.63 -8.37 -30.83
CA THR C 286 7.26 -8.18 -32.23
C THR C 286 5.75 -8.19 -32.55
#